data_6O6Z
#
_entry.id   6O6Z
#
_cell.length_a   54.292
_cell.length_b   115.940
_cell.length_c   159.399
_cell.angle_alpha   90.00
_cell.angle_beta   90.00
_cell.angle_gamma   90.00
#
_symmetry.space_group_name_H-M   'P 21 21 21'
#
loop_
_entity.id
_entity.type
_entity.pdbx_description
1 polymer Csm6
2 non-polymer "3'-O-[(R)-{[(2S,3aS,4S,6S,6aS)-6-(6-amino-9H-purin-9-yl)-2-hydroxy-2-oxotetrahydro-2H-2lambda~5~-furo[3,4-d][1,3,2]dioxaphosphol-4-yl]methoxy}(hydroxy)phosphoryl]adenosine"
3 water water
#
_entity_poly.entity_id   1
_entity_poly.type   'polypeptide(L)'
_entity_poly.pdbx_seq_one_letter_code
;MGMKLLVVSWGDFERWKETKYRFGGETSVGPSTLPILQKVIKPDWTVIVLSDTIGKDFSSVETLREDVRNRVMDFLDRIG
AGREVDVIIAPGIGEFTHGSFRGSAMDAYYYVLHALSEIIPTKGDLEVHFDSTHGLNYVTLLTYRALKDLLGIAAVMNTV
TFYAYNSDPFVPKITKELNINTIETTMVKPTPLSEPLPGFDEYLCPYSMERAEFVRLKGSLNTLKNLRKEKKKLEAWIGS
LLFGLPLLFLEEFPDIGRLESYIEELAETWGGAIAVNAEEKAVTRRLAFGSGFGTLVKLLFQARITRGLLVEEPYSIEKL
YSVSDRLFRGSTLQRVRVELGKIEDKAIKYARKGAFPRDIPLRDFLGFDAANREVSPRNVLAAAGLEANVVEVSMEAWEP
KRPEEEAGRHTHLKYTPVGLKKVEDIVSRALKESHHHHHH
;
_entity_poly.pdbx_strand_id   A,B
#
loop_
_chem_comp.id
_chem_comp.type
_chem_comp.name
_chem_comp.formula
LQJ non-polymer 3'-O-[(R)-{[(2S,3aS,4S,6S,6aS)-6-(6-amino-9H-purin-9-yl)-2-hydroxy-2-oxotetrahydro-2H-2lambda~5~-furo[3,4-d][1,3,2]dioxaphosphol-4-yl]methoxy}(hydroxy)phosphoryl]adenosine 'C20 H24 N10 O12 P2'
#
# COMPACT_ATOMS: atom_id res chain seq x y z
N MET A 3 15.75 1.69 -16.04
CA MET A 3 16.75 1.12 -15.09
C MET A 3 16.19 -0.19 -14.51
N LYS A 4 17.00 -1.24 -14.57
CA LYS A 4 16.74 -2.54 -13.92
C LYS A 4 17.60 -2.61 -12.66
N LEU A 5 16.95 -2.70 -11.51
CA LEU A 5 17.61 -2.74 -10.19
C LEU A 5 17.33 -4.13 -9.60
N LEU A 6 18.38 -4.84 -9.21
CA LEU A 6 18.29 -6.16 -8.53
C LEU A 6 18.66 -5.97 -7.07
N VAL A 7 17.76 -6.37 -6.18
CA VAL A 7 17.91 -6.32 -4.70
C VAL A 7 17.81 -7.74 -4.18
N VAL A 8 18.78 -8.11 -3.35
CA VAL A 8 18.92 -9.48 -2.85
C VAL A 8 18.98 -9.38 -1.32
N SER A 9 18.20 -10.19 -0.61
CA SER A 9 18.24 -10.30 0.88
C SER A 9 19.10 -11.50 1.27
N TRP A 10 20.20 -11.26 1.99
CA TRP A 10 21.20 -12.32 2.32
C TRP A 10 21.30 -12.51 3.83
N GLY A 11 21.42 -13.77 4.28
CA GLY A 11 21.83 -14.11 5.66
C GLY A 11 23.31 -14.38 5.74
N ASP A 12 23.69 -15.57 6.21
CA ASP A 12 25.11 -15.95 6.46
C ASP A 12 25.59 -16.76 5.27
N PHE A 13 26.10 -16.07 4.25
CA PHE A 13 26.47 -16.65 2.94
C PHE A 13 27.60 -17.69 3.09
N GLU A 14 28.40 -17.63 4.17
CA GLU A 14 29.48 -18.64 4.35
C GLU A 14 28.90 -20.01 4.78
N ARG A 15 27.62 -20.10 5.17
CA ARG A 15 26.99 -21.39 5.58
C ARG A 15 26.33 -22.11 4.39
N TRP A 16 26.19 -21.46 3.23
CA TRP A 16 25.37 -21.97 2.09
C TRP A 16 26.17 -23.09 1.39
N LYS A 17 25.49 -24.06 0.80
CA LYS A 17 26.10 -25.23 0.11
C LYS A 17 26.06 -25.02 -1.40
N GLU A 18 26.98 -25.66 -2.12
CA GLU A 18 26.98 -25.75 -3.61
C GLU A 18 25.74 -26.54 -4.03
N THR A 19 24.95 -26.00 -4.94
CA THR A 19 23.81 -26.68 -5.61
C THR A 19 23.77 -26.22 -7.05
N LYS A 20 22.68 -26.60 -7.71
CA LYS A 20 22.32 -26.21 -9.08
C LYS A 20 21.04 -25.36 -8.94
N TYR A 21 20.96 -24.27 -9.70
CA TYR A 21 19.75 -23.43 -9.85
C TYR A 21 19.38 -23.42 -11.33
N ARG A 22 18.08 -23.31 -11.64
CA ARG A 22 17.64 -22.96 -13.00
C ARG A 22 16.68 -21.78 -12.94
N PHE A 23 16.82 -20.93 -13.95
CA PHE A 23 16.21 -19.59 -14.08
C PHE A 23 16.29 -19.16 -15.57
N GLY A 24 15.16 -18.80 -16.17
CA GLY A 24 15.10 -18.33 -17.58
C GLY A 24 15.77 -19.30 -18.54
N GLY A 25 15.47 -20.60 -18.43
CA GLY A 25 16.08 -21.66 -19.27
C GLY A 25 17.60 -21.61 -19.25
N GLU A 26 18.17 -21.22 -18.13
CA GLU A 26 19.62 -21.33 -17.84
C GLU A 26 19.72 -22.21 -16.61
N THR A 27 20.92 -22.72 -16.37
CA THR A 27 21.29 -23.42 -15.12
C THR A 27 22.62 -22.87 -14.63
N SER A 28 22.87 -23.03 -13.35
CA SER A 28 24.07 -22.45 -12.70
C SER A 28 24.42 -23.35 -11.53
N VAL A 29 25.71 -23.47 -11.25
CA VAL A 29 26.25 -24.28 -10.12
C VAL A 29 26.96 -23.33 -9.14
N GLY A 30 26.67 -23.47 -7.85
CA GLY A 30 27.30 -22.59 -6.85
C GLY A 30 26.45 -22.49 -5.61
N PRO A 31 26.91 -21.73 -4.61
CA PRO A 31 26.20 -21.61 -3.34
C PRO A 31 25.14 -20.49 -3.33
N SER A 32 24.98 -19.73 -4.42
CA SER A 32 24.10 -18.53 -4.42
C SER A 32 23.29 -18.40 -5.70
N THR A 33 22.10 -17.80 -5.57
CA THR A 33 21.24 -17.48 -6.72
C THR A 33 21.81 -16.31 -7.49
N LEU A 34 22.75 -15.56 -6.92
CA LEU A 34 23.01 -14.20 -7.43
C LEU A 34 23.58 -14.27 -8.84
N PRO A 35 24.60 -15.08 -9.16
CA PRO A 35 25.12 -15.13 -10.54
C PRO A 35 24.04 -15.47 -11.59
N ILE A 36 23.18 -16.47 -11.35
CA ILE A 36 22.15 -16.79 -12.38
C ILE A 36 21.09 -15.66 -12.48
N LEU A 37 20.76 -14.96 -11.38
CA LEU A 37 19.85 -13.77 -11.39
C LEU A 37 20.51 -12.66 -12.22
N GLN A 38 21.80 -12.41 -12.02
CA GLN A 38 22.49 -11.34 -12.78
C GLN A 38 22.53 -11.68 -14.27
N LYS A 39 22.81 -12.94 -14.63
CA LYS A 39 22.93 -13.47 -16.02
C LYS A 39 21.61 -13.25 -16.78
N VAL A 40 20.50 -13.72 -16.24
CA VAL A 40 19.17 -13.69 -16.90
C VAL A 40 18.64 -12.25 -16.94
N ILE A 41 18.63 -11.55 -15.80
CA ILE A 41 17.93 -10.26 -15.65
C ILE A 41 18.78 -9.16 -16.28
N LYS A 42 20.09 -9.25 -16.15
CA LYS A 42 21.06 -8.23 -16.63
C LYS A 42 20.71 -6.89 -16.02
N PRO A 43 20.67 -6.80 -14.68
CA PRO A 43 20.39 -5.51 -14.04
C PRO A 43 21.46 -4.45 -14.38
N ASP A 44 21.05 -3.17 -14.40
CA ASP A 44 21.98 -2.02 -14.44
C ASP A 44 22.69 -1.87 -13.09
N TRP A 45 22.10 -2.34 -12.00
CA TRP A 45 22.73 -2.21 -10.66
C TRP A 45 22.16 -3.25 -9.68
N THR A 46 23.01 -3.73 -8.80
CA THR A 46 22.70 -4.78 -7.80
C THR A 46 22.91 -4.21 -6.40
N VAL A 47 21.98 -4.52 -5.52
CA VAL A 47 22.06 -4.17 -4.08
C VAL A 47 21.95 -5.47 -3.29
N ILE A 48 22.88 -5.64 -2.34
CA ILE A 48 22.85 -6.80 -1.41
C ILE A 48 22.51 -6.23 -0.04
N VAL A 49 21.46 -6.74 0.58
CA VAL A 49 21.10 -6.37 1.98
C VAL A 49 21.44 -7.57 2.86
N LEU A 50 22.30 -7.35 3.85
CA LEU A 50 22.50 -8.37 4.92
C LEU A 50 22.68 -7.71 6.27
N SER A 51 22.71 -8.55 7.30
CA SER A 51 22.87 -8.15 8.72
C SER A 51 24.35 -7.98 9.08
N ASP A 52 24.71 -6.89 9.78
CA ASP A 52 26.06 -6.75 10.41
C ASP A 52 26.32 -7.83 11.51
N THR A 53 25.36 -8.65 11.89
CA THR A 53 25.49 -9.63 13.00
C THR A 53 26.40 -10.77 12.54
N ILE A 54 26.84 -10.73 11.29
CA ILE A 54 27.84 -11.66 10.68
C ILE A 54 29.26 -11.17 11.01
N GLY A 55 29.41 -9.92 11.44
CA GLY A 55 30.71 -9.29 11.72
C GLY A 55 31.40 -9.91 12.92
N LYS A 56 32.73 -10.01 12.86
CA LYS A 56 33.58 -10.80 13.80
C LYS A 56 34.64 -9.95 14.49
N ASP A 57 34.96 -8.77 13.95
CA ASP A 57 36.01 -7.84 14.46
C ASP A 57 35.38 -6.70 15.27
N PHE A 58 35.53 -6.68 16.59
CA PHE A 58 34.75 -5.82 17.51
C PHE A 58 35.56 -4.60 17.97
N SER A 59 36.67 -4.27 17.31
CA SER A 59 37.50 -3.11 17.72
C SER A 59 36.67 -1.83 17.71
N SER A 60 35.74 -1.70 16.76
CA SER A 60 35.02 -0.44 16.47
C SER A 60 33.84 -0.70 15.54
N VAL A 61 32.95 0.26 15.44
CA VAL A 61 31.76 0.19 14.55
C VAL A 61 32.23 -0.04 13.10
N GLU A 62 33.22 0.72 12.66
CA GLU A 62 33.72 0.70 11.26
C GLU A 62 34.52 -0.58 11.01
N THR A 63 35.29 -1.07 11.99
CA THR A 63 36.02 -2.37 11.87
C THR A 63 35.00 -3.49 11.56
N LEU A 64 33.86 -3.47 12.26
CA LEU A 64 32.79 -4.48 12.16
C LEU A 64 32.19 -4.46 10.74
N ARG A 65 31.82 -3.29 10.24
CA ARG A 65 31.25 -3.09 8.88
C ARG A 65 32.32 -3.53 7.86
N GLU A 66 33.59 -3.22 8.14
CA GLU A 66 34.72 -3.52 7.23
C GLU A 66 34.89 -5.04 7.15
N ASP A 67 34.88 -5.73 8.29
CA ASP A 67 34.91 -7.22 8.33
C ASP A 67 33.78 -7.73 7.42
N VAL A 68 32.54 -7.24 7.55
CA VAL A 68 31.40 -7.78 6.76
C VAL A 68 31.59 -7.42 5.28
N ARG A 69 31.97 -6.19 4.95
CA ARG A 69 32.10 -5.79 3.52
C ARG A 69 33.21 -6.60 2.84
N ASN A 70 34.40 -6.68 3.41
CA ASN A 70 35.54 -7.50 2.92
C ASN A 70 35.08 -8.96 2.70
N ARG A 71 34.32 -9.55 3.60
CA ARG A 71 33.95 -10.99 3.44
C ARG A 71 32.91 -11.16 2.32
N VAL A 72 31.96 -10.23 2.16
CA VAL A 72 30.99 -10.23 1.03
C VAL A 72 31.77 -10.12 -0.30
N MET A 73 32.69 -9.17 -0.40
CA MET A 73 33.49 -8.93 -1.62
C MET A 73 34.27 -10.21 -1.94
N ASP A 74 34.83 -10.90 -0.92
CA ASP A 74 35.53 -12.19 -1.18
C ASP A 74 34.52 -13.24 -1.68
N PHE A 75 33.33 -13.31 -1.10
CA PHE A 75 32.33 -14.32 -1.51
C PHE A 75 31.90 -14.02 -2.95
N LEU A 76 31.78 -12.75 -3.32
CA LEU A 76 31.42 -12.34 -4.70
C LEU A 76 32.49 -12.84 -5.69
N ASP A 77 33.78 -12.65 -5.39
CA ASP A 77 34.91 -13.21 -6.19
C ASP A 77 34.76 -14.73 -6.34
N ARG A 78 34.58 -15.46 -5.23
CA ARG A 78 34.46 -16.94 -5.22
C ARG A 78 33.32 -17.36 -6.15
N ILE A 79 32.17 -16.67 -6.16
CA ILE A 79 31.00 -17.17 -6.94
C ILE A 79 30.98 -16.57 -8.36
N GLY A 80 31.75 -15.50 -8.60
CA GLY A 80 31.80 -14.77 -9.88
C GLY A 80 30.60 -13.85 -10.08
N ALA A 81 30.29 -13.01 -9.09
CA ALA A 81 29.21 -11.98 -9.16
C ALA A 81 29.72 -10.67 -9.77
N GLY A 82 31.02 -10.43 -9.76
CA GLY A 82 31.59 -9.12 -10.16
C GLY A 82 31.46 -8.10 -9.06
N ARG A 83 31.55 -6.81 -9.37
CA ARG A 83 31.86 -5.76 -8.37
C ARG A 83 30.77 -4.68 -8.30
N GLU A 84 29.98 -4.46 -9.36
CA GLU A 84 29.01 -3.33 -9.43
C GLU A 84 27.80 -3.58 -8.51
N VAL A 85 28.03 -3.42 -7.22
CA VAL A 85 27.04 -3.77 -6.18
C VAL A 85 27.18 -2.74 -5.06
N ASP A 86 26.07 -2.28 -4.50
CA ASP A 86 26.07 -1.66 -3.16
C ASP A 86 25.77 -2.78 -2.16
N VAL A 87 26.40 -2.70 -0.99
CA VAL A 87 26.19 -3.66 0.10
C VAL A 87 25.62 -2.84 1.21
N ILE A 88 24.39 -3.13 1.60
CA ILE A 88 23.73 -2.41 2.73
C ILE A 88 23.92 -3.31 3.93
N ILE A 89 24.60 -2.82 4.96
CA ILE A 89 25.00 -3.65 6.12
C ILE A 89 24.11 -3.20 7.27
N ALA A 90 22.96 -3.85 7.37
CA ALA A 90 21.84 -3.42 8.21
C ALA A 90 22.16 -3.77 9.66
N PRO A 91 21.80 -2.87 10.60
CA PRO A 91 21.89 -3.15 12.03
C PRO A 91 20.95 -4.29 12.46
N GLY A 92 21.49 -5.51 12.55
CA GLY A 92 20.77 -6.70 13.05
C GLY A 92 20.95 -6.88 14.55
N ILE A 93 20.32 -7.92 15.06
CA ILE A 93 20.05 -8.10 16.52
C ILE A 93 20.32 -9.58 16.85
N GLY A 94 20.76 -9.88 18.08
CA GLY A 94 20.90 -11.28 18.54
C GLY A 94 22.18 -11.53 19.34
N GLU A 95 22.19 -12.64 20.06
CA GLU A 95 23.36 -13.11 20.86
C GLU A 95 23.94 -14.28 20.12
N PHE A 96 25.18 -14.20 19.62
CA PHE A 96 25.84 -15.31 18.90
C PHE A 96 27.12 -15.65 19.65
N THR A 97 27.74 -16.75 19.24
CA THR A 97 28.98 -17.21 19.89
C THR A 97 30.08 -16.17 19.68
N HIS A 98 30.18 -15.55 18.49
CA HIS A 98 31.28 -14.60 18.15
C HIS A 98 30.97 -13.21 18.69
N GLY A 99 29.77 -12.98 19.23
CA GLY A 99 29.45 -11.72 19.92
C GLY A 99 27.98 -11.38 19.91
N SER A 100 27.65 -10.20 20.42
CA SER A 100 26.26 -9.89 20.78
C SER A 100 25.90 -8.49 20.26
N PHE A 101 24.70 -8.41 19.71
CA PHE A 101 24.22 -7.24 18.94
C PHE A 101 22.90 -6.83 19.55
N ARG A 102 22.84 -5.67 20.19
CA ARG A 102 21.65 -5.19 20.94
C ARG A 102 21.21 -3.80 20.45
N GLY A 103 19.88 -3.61 20.38
CA GLY A 103 19.22 -2.36 19.94
C GLY A 103 17.83 -2.68 19.44
N SER A 104 17.09 -1.68 18.92
CA SER A 104 15.71 -1.91 18.40
C SER A 104 15.84 -2.71 17.11
N ALA A 105 15.04 -3.77 16.93
CA ALA A 105 14.99 -4.61 15.72
C ALA A 105 14.44 -3.80 14.52
N MET A 106 13.72 -2.72 14.80
CA MET A 106 13.13 -1.82 13.76
C MET A 106 14.19 -0.89 13.19
N ASP A 107 15.36 -0.74 13.84
CA ASP A 107 16.51 0.04 13.27
C ASP A 107 16.83 -0.48 11.86
N ALA A 108 16.67 -1.78 11.59
CA ALA A 108 17.04 -2.35 10.27
C ALA A 108 16.14 -1.78 9.16
N TYR A 109 14.83 -1.61 9.42
CA TYR A 109 13.85 -0.99 8.50
C TYR A 109 14.34 0.44 8.18
N TYR A 110 14.56 1.25 9.20
CA TYR A 110 14.86 2.69 9.02
C TYR A 110 16.19 2.84 8.28
N TYR A 111 17.15 1.98 8.57
CA TYR A 111 18.51 2.08 8.02
C TYR A 111 18.51 1.66 6.56
N VAL A 112 17.76 0.61 6.26
CA VAL A 112 17.61 0.09 4.87
C VAL A 112 16.76 1.06 4.05
N LEU A 113 15.69 1.61 4.62
CA LEU A 113 14.90 2.68 3.96
C LEU A 113 15.84 3.84 3.61
N HIS A 114 16.61 4.29 4.58
CA HIS A 114 17.57 5.40 4.36
C HIS A 114 18.53 5.01 3.23
N ALA A 115 19.11 3.79 3.25
CA ALA A 115 20.19 3.45 2.28
C ALA A 115 19.58 3.33 0.87
N LEU A 116 18.46 2.62 0.73
CA LEU A 116 17.77 2.52 -0.57
C LEU A 116 17.36 3.92 -1.06
N SER A 117 16.99 4.82 -0.17
CA SER A 117 16.53 6.16 -0.58
C SER A 117 17.68 6.90 -1.29
N GLU A 118 18.94 6.49 -1.06
CA GLU A 118 20.11 7.13 -1.73
C GLU A 118 20.56 6.33 -2.95
N ILE A 119 19.97 5.15 -3.23
CA ILE A 119 20.43 4.25 -4.32
C ILE A 119 19.38 4.22 -5.45
N ILE A 120 18.09 4.08 -5.13
CA ILE A 120 17.01 3.97 -6.15
C ILE A 120 17.01 5.26 -6.96
N PRO A 121 17.23 5.18 -8.30
CA PRO A 121 17.24 6.36 -9.17
C PRO A 121 15.94 7.17 -9.01
N THR A 122 16.05 8.48 -9.01
CA THR A 122 14.90 9.40 -8.73
C THR A 122 14.44 10.06 -10.02
N LYS A 123 14.99 9.63 -11.17
CA LYS A 123 14.52 9.98 -12.54
C LYS A 123 14.36 8.67 -13.32
N GLY A 124 13.29 8.57 -14.09
CA GLY A 124 13.05 7.48 -15.04
C GLY A 124 12.22 6.35 -14.47
N ASP A 125 11.80 5.48 -15.38
CA ASP A 125 11.14 4.19 -15.08
C ASP A 125 12.12 3.26 -14.36
N LEU A 126 11.54 2.33 -13.61
CA LEU A 126 12.28 1.40 -12.72
C LEU A 126 11.64 0.04 -12.93
N GLU A 127 12.49 -0.94 -13.19
CA GLU A 127 12.11 -2.35 -13.17
C GLU A 127 12.97 -2.98 -12.08
N VAL A 128 12.31 -3.41 -11.01
CA VAL A 128 12.99 -3.80 -9.75
C VAL A 128 12.74 -5.29 -9.57
N HIS A 129 13.82 -6.02 -9.28
CA HIS A 129 13.83 -7.48 -9.08
C HIS A 129 14.30 -7.75 -7.65
N PHE A 130 13.59 -8.57 -6.91
CA PHE A 130 13.80 -8.79 -5.46
C PHE A 130 13.86 -10.28 -5.20
N ASP A 131 15.00 -10.76 -4.71
CA ASP A 131 15.22 -12.21 -4.40
C ASP A 131 15.21 -12.39 -2.88
N SER A 132 14.22 -13.12 -2.38
CA SER A 132 14.06 -13.43 -0.95
C SER A 132 14.74 -14.77 -0.58
N THR A 133 15.39 -15.43 -1.53
CA THR A 133 15.81 -16.85 -1.39
C THR A 133 16.62 -17.02 -0.10
N HIS A 134 17.70 -16.27 0.03
CA HIS A 134 18.73 -16.51 1.08
C HIS A 134 18.52 -15.59 2.27
N GLY A 135 17.39 -14.89 2.38
CA GLY A 135 17.24 -13.79 3.34
C GLY A 135 16.86 -14.28 4.74
N LEU A 136 17.42 -13.68 5.80
CA LEU A 136 16.84 -13.75 7.17
C LEU A 136 15.37 -13.28 7.10
N ASN A 137 14.48 -13.93 7.84
CA ASN A 137 13.03 -13.65 7.70
C ASN A 137 12.81 -12.18 7.99
N TYR A 138 13.35 -11.65 9.10
CA TYR A 138 13.00 -10.29 9.58
C TYR A 138 13.63 -9.28 8.61
N VAL A 139 14.87 -9.48 8.18
CA VAL A 139 15.59 -8.56 7.24
C VAL A 139 14.84 -8.52 5.91
N THR A 140 14.41 -9.68 5.41
CA THR A 140 13.67 -9.81 4.14
C THR A 140 12.35 -9.04 4.23
N LEU A 141 11.60 -9.18 5.34
CA LEU A 141 10.29 -8.48 5.49
C LEU A 141 10.51 -6.96 5.55
N LEU A 142 11.50 -6.53 6.32
CA LEU A 142 11.72 -5.08 6.51
C LEU A 142 12.27 -4.48 5.23
N THR A 143 13.10 -5.23 4.48
CA THR A 143 13.69 -4.75 3.20
C THR A 143 12.56 -4.68 2.19
N TYR A 144 11.73 -5.70 2.18
CA TYR A 144 10.60 -5.76 1.23
C TYR A 144 9.71 -4.55 1.49
N ARG A 145 9.40 -4.28 2.75
CA ARG A 145 8.52 -3.14 3.11
C ARG A 145 9.18 -1.81 2.74
N ALA A 146 10.47 -1.64 3.04
CA ALA A 146 11.16 -0.36 2.75
C ALA A 146 11.19 -0.11 1.24
N LEU A 147 11.39 -1.17 0.49
CA LEU A 147 11.53 -1.10 -1.00
C LEU A 147 10.16 -0.73 -1.58
N LYS A 148 9.09 -1.39 -1.13
CA LYS A 148 7.71 -1.11 -1.59
C LYS A 148 7.29 0.31 -1.24
N ASP A 149 7.66 0.77 -0.05
CA ASP A 149 7.32 2.13 0.42
C ASP A 149 7.98 3.16 -0.49
N LEU A 150 9.27 3.03 -0.80
CA LEU A 150 9.94 4.02 -1.69
C LEU A 150 9.42 3.86 -3.12
N LEU A 151 9.13 2.63 -3.59
CA LEU A 151 8.68 2.42 -5.00
C LEU A 151 7.27 3.01 -5.19
N GLY A 152 6.37 2.93 -4.20
CA GLY A 152 5.07 3.59 -4.25
C GLY A 152 5.22 5.09 -4.46
N ILE A 153 6.26 5.69 -3.87
CA ILE A 153 6.49 7.14 -4.07
C ILE A 153 6.98 7.39 -5.50
N ALA A 154 7.94 6.59 -5.99
CA ALA A 154 8.54 6.76 -7.33
C ALA A 154 7.44 6.59 -8.38
N ALA A 155 6.46 5.73 -8.10
CA ALA A 155 5.35 5.42 -9.05
C ALA A 155 4.46 6.64 -9.27
N VAL A 156 4.50 7.66 -8.42
CA VAL A 156 3.74 8.94 -8.63
C VAL A 156 4.21 9.59 -9.93
N MET A 157 5.51 9.57 -10.21
CA MET A 157 6.10 10.21 -11.40
C MET A 157 6.40 9.20 -12.52
N ASN A 158 6.75 7.96 -12.20
CA ASN A 158 7.39 7.10 -13.20
C ASN A 158 6.67 5.76 -13.21
N THR A 159 6.87 5.00 -14.28
CA THR A 159 6.41 3.60 -14.37
C THR A 159 7.40 2.71 -13.62
N VAL A 160 6.88 2.01 -12.63
CA VAL A 160 7.64 1.16 -11.70
C VAL A 160 6.99 -0.22 -11.76
N THR A 161 7.75 -1.23 -12.17
CA THR A 161 7.37 -2.66 -12.15
C THR A 161 8.27 -3.37 -11.14
N PHE A 162 7.72 -4.37 -10.48
CA PHE A 162 8.36 -5.11 -9.39
C PHE A 162 8.16 -6.60 -9.62
N TYR A 163 9.25 -7.36 -9.57
CA TYR A 163 9.26 -8.84 -9.68
C TYR A 163 9.93 -9.37 -8.42
N ALA A 164 9.36 -10.36 -7.75
CA ALA A 164 10.01 -11.05 -6.60
C ALA A 164 10.22 -12.53 -6.94
N TYR A 165 11.33 -13.07 -6.45
CA TYR A 165 11.79 -14.46 -6.72
C TYR A 165 12.11 -15.17 -5.41
N ASN A 166 12.00 -16.48 -5.45
CA ASN A 166 12.47 -17.37 -4.36
C ASN A 166 12.77 -18.75 -4.96
N SER A 167 13.97 -19.28 -4.71
CA SER A 167 14.39 -20.64 -5.13
C SER A 167 13.48 -21.64 -4.42
N ASP A 168 13.18 -22.77 -5.05
CA ASP A 168 12.68 -23.96 -4.32
C ASP A 168 13.47 -24.08 -3.01
N PRO A 169 12.86 -24.63 -1.95
CA PRO A 169 13.60 -24.93 -0.71
C PRO A 169 14.75 -25.92 -0.96
N PHE A 170 15.82 -25.77 -0.19
CA PHE A 170 17.08 -26.54 -0.38
C PHE A 170 17.02 -27.71 0.60
N VAL A 171 17.22 -28.93 0.13
CA VAL A 171 17.13 -30.14 0.99
C VAL A 171 18.51 -30.81 1.01
N PRO A 172 19.29 -30.59 2.10
CA PRO A 172 20.73 -30.87 2.14
C PRO A 172 21.32 -32.04 1.35
N LYS A 173 20.66 -33.21 1.29
CA LYS A 173 21.26 -34.38 0.58
C LYS A 173 20.25 -34.99 -0.39
N ILE A 174 19.25 -34.23 -0.82
CA ILE A 174 18.17 -34.71 -1.74
C ILE A 174 18.12 -33.82 -2.97
N THR A 175 18.49 -32.54 -2.82
CA THR A 175 18.40 -31.49 -3.87
C THR A 175 19.38 -31.84 -4.98
N LYS A 176 18.85 -32.03 -6.19
CA LYS A 176 19.63 -32.10 -7.44
C LYS A 176 19.77 -30.68 -8.00
N GLU A 177 18.66 -29.97 -8.28
CA GLU A 177 18.70 -28.57 -8.81
C GLU A 177 17.48 -27.80 -8.30
N LEU A 178 17.65 -26.50 -8.07
CA LEU A 178 16.61 -25.60 -7.51
C LEU A 178 16.11 -24.65 -8.60
N ASN A 179 14.78 -24.62 -8.81
CA ASN A 179 14.14 -23.65 -9.73
C ASN A 179 14.05 -22.31 -8.98
N ILE A 180 14.24 -21.20 -9.68
CA ILE A 180 14.02 -19.88 -9.05
C ILE A 180 12.63 -19.42 -9.45
N ASN A 181 11.69 -19.41 -8.49
CA ASN A 181 10.26 -19.19 -8.76
C ASN A 181 9.95 -17.69 -8.80
N THR A 182 9.03 -17.32 -9.67
CA THR A 182 8.38 -16.00 -9.64
C THR A 182 7.28 -16.00 -8.57
N ILE A 183 7.36 -15.12 -7.58
CA ILE A 183 6.38 -15.08 -6.45
C ILE A 183 5.64 -13.74 -6.44
N GLU A 184 6.02 -12.77 -7.30
CA GLU A 184 5.26 -11.51 -7.46
C GLU A 184 5.61 -10.87 -8.81
N THR A 185 4.59 -10.35 -9.52
CA THR A 185 4.72 -9.53 -10.75
C THR A 185 3.74 -8.36 -10.62
N THR A 186 4.23 -7.15 -10.32
CA THR A 186 3.37 -6.00 -9.93
C THR A 186 3.74 -4.79 -10.79
N MET A 187 2.71 -4.13 -11.30
CA MET A 187 2.75 -2.71 -11.69
C MET A 187 2.58 -1.90 -10.41
N VAL A 188 3.62 -1.20 -9.94
CA VAL A 188 3.49 -0.51 -8.61
C VAL A 188 2.57 0.70 -8.78
N LYS A 189 1.64 0.85 -7.85
CA LYS A 189 0.57 1.90 -7.79
C LYS A 189 1.14 3.17 -7.15
N PRO A 190 0.81 4.38 -7.67
CA PRO A 190 1.32 5.59 -7.04
C PRO A 190 0.70 5.73 -5.64
N THR A 191 1.56 5.89 -4.63
CA THR A 191 1.16 6.08 -3.21
C THR A 191 2.04 7.18 -2.64
N PRO A 192 1.58 8.45 -2.70
CA PRO A 192 2.35 9.56 -2.16
C PRO A 192 2.38 9.46 -0.64
N LEU A 193 3.37 10.12 -0.01
CA LEU A 193 3.47 10.15 1.47
C LEU A 193 2.12 10.58 2.03
N SER A 194 1.59 9.89 3.03
CA SER A 194 0.32 10.28 3.66
C SER A 194 0.43 10.33 5.18
N GLU A 195 1.61 10.52 5.73
CA GLU A 195 1.92 10.66 7.17
C GLU A 195 2.19 12.13 7.43
N PRO A 196 1.69 12.70 8.54
CA PRO A 196 2.21 13.93 9.06
C PRO A 196 3.58 13.65 9.68
N LEU A 197 4.35 14.69 9.98
CA LEU A 197 5.57 14.55 10.80
C LEU A 197 5.12 14.38 12.25
N PRO A 198 5.72 13.47 13.02
CA PRO A 198 5.22 13.19 14.36
C PRO A 198 5.70 14.20 15.41
N GLY A 199 5.23 14.05 16.66
CA GLY A 199 5.83 14.73 17.84
C GLY A 199 7.34 14.52 17.94
N PHE A 200 8.05 15.39 18.66
CA PHE A 200 9.54 15.47 18.61
C PHE A 200 10.19 14.41 19.48
N ASP A 201 9.43 13.53 20.14
CA ASP A 201 9.94 12.31 20.84
C ASP A 201 10.18 11.17 19.86
N GLU A 202 9.78 11.32 18.57
CA GLU A 202 9.66 10.16 17.64
C GLU A 202 10.60 10.28 16.43
N TYR A 203 11.76 10.96 16.51
CA TYR A 203 12.84 10.90 15.48
C TYR A 203 13.94 9.95 15.94
N LEU A 204 14.39 10.12 17.18
CA LEU A 204 15.35 9.25 17.88
C LEU A 204 14.77 9.02 19.28
N CYS A 205 14.81 7.77 19.74
CA CYS A 205 14.22 7.26 21.00
C CYS A 205 15.37 6.56 21.72
N PRO A 206 15.45 6.63 23.07
CA PRO A 206 16.49 5.88 23.78
C PRO A 206 16.19 4.38 23.66
N TYR A 207 17.17 3.56 23.29
CA TYR A 207 17.08 2.10 23.51
C TYR A 207 17.64 1.84 24.91
N SER A 208 18.91 2.14 25.10
CA SER A 208 19.71 1.83 26.32
C SER A 208 20.61 3.02 26.59
N MET A 209 20.01 4.21 26.71
CA MET A 209 20.72 5.50 26.91
C MET A 209 20.06 6.18 28.11
N GLU A 210 20.85 6.69 29.06
CA GLU A 210 20.35 7.30 30.32
C GLU A 210 19.65 8.63 30.02
N ARG A 211 18.77 9.03 30.92
CA ARG A 211 17.86 10.21 30.72
C ARG A 211 18.66 11.51 30.71
N ALA A 212 19.62 11.73 31.61
CA ALA A 212 20.42 12.98 31.59
C ALA A 212 21.09 13.09 30.21
N GLU A 213 21.68 12.00 29.72
CA GLU A 213 22.35 12.00 28.40
C GLU A 213 21.32 12.29 27.28
N PHE A 214 20.15 11.64 27.30
CA PHE A 214 19.13 11.74 26.24
C PHE A 214 18.57 13.17 26.15
N VAL A 215 18.15 13.71 27.30
CA VAL A 215 17.64 15.11 27.38
C VAL A 215 18.73 16.03 26.84
N ARG A 216 19.96 15.91 27.31
CA ARG A 216 20.99 16.85 26.81
C ARG A 216 21.21 16.64 25.31
N LEU A 217 21.26 15.39 24.87
CA LEU A 217 21.48 15.11 23.44
C LEU A 217 20.33 15.68 22.61
N LYS A 218 19.11 15.44 23.06
CA LYS A 218 17.89 15.85 22.30
C LYS A 218 17.87 17.36 22.17
N GLY A 219 18.18 18.05 23.27
CA GLY A 219 18.15 19.52 23.27
C GLY A 219 19.33 20.14 22.54
N SER A 220 20.36 19.36 22.20
CA SER A 220 21.55 19.83 21.47
C SER A 220 21.34 19.74 19.95
N LEU A 221 20.29 19.04 19.46
CA LEU A 221 20.09 18.78 17.99
C LEU A 221 19.41 19.97 17.30
N ASN A 222 20.08 20.61 16.33
CA ASN A 222 19.50 21.77 15.59
C ASN A 222 18.37 21.28 14.64
N THR A 223 18.48 20.06 14.16
CA THR A 223 17.41 19.38 13.36
C THR A 223 16.07 19.47 14.07
N LEU A 224 15.99 19.06 15.33
CA LEU A 224 14.68 19.11 16.03
C LEU A 224 14.17 20.57 16.16
N LYS A 225 15.04 21.55 16.42
CA LYS A 225 14.62 22.97 16.59
C LYS A 225 14.07 23.49 15.25
N ASN A 226 14.80 23.28 14.15
CA ASN A 226 14.43 23.74 12.79
C ASN A 226 13.09 23.11 12.35
N LEU A 227 12.97 21.81 12.53
CA LEU A 227 11.78 21.02 12.17
C LEU A 227 10.54 21.48 12.94
N ARG A 228 10.67 21.96 14.19
CA ARG A 228 9.51 22.47 14.98
C ARG A 228 8.92 23.65 14.20
N LYS A 229 9.79 24.33 13.44
CA LYS A 229 9.58 25.64 12.76
C LYS A 229 9.02 25.41 11.35
N GLU A 230 9.56 24.45 10.60
CA GLU A 230 9.19 24.12 9.19
C GLU A 230 8.11 23.01 9.13
N LYS A 231 7.71 22.43 10.28
CA LYS A 231 6.84 21.22 10.38
C LYS A 231 5.54 21.44 9.59
N LYS A 232 4.86 22.56 9.80
CA LYS A 232 3.52 22.83 9.22
C LYS A 232 3.62 23.06 7.70
N LYS A 233 4.66 23.73 7.23
CA LYS A 233 4.89 23.98 5.77
C LYS A 233 5.20 22.64 5.08
N LEU A 234 5.97 21.76 5.75
CA LEU A 234 6.32 20.42 5.23
C LEU A 234 5.03 19.61 5.16
N GLU A 235 4.16 19.71 6.17
CA GLU A 235 2.89 18.93 6.14
C GLU A 235 1.96 19.48 5.06
N ALA A 236 1.91 20.80 4.88
CA ALA A 236 1.14 21.43 3.80
C ALA A 236 1.61 20.87 2.46
N TRP A 237 2.91 20.70 2.27
CA TRP A 237 3.45 20.09 1.02
C TRP A 237 2.99 18.64 0.88
N ILE A 238 3.04 17.86 1.97
CA ILE A 238 2.69 16.42 1.91
C ILE A 238 1.20 16.36 1.50
N GLY A 239 0.35 17.15 2.14
CA GLY A 239 -1.08 17.16 1.79
C GLY A 239 -1.33 17.67 0.38
N SER A 240 -0.47 18.51 -0.17
CA SER A 240 -0.65 19.00 -1.57
C SER A 240 -0.70 17.81 -2.52
N LEU A 241 0.14 16.79 -2.35
CA LEU A 241 0.19 15.64 -3.28
C LEU A 241 -0.99 14.72 -2.97
N LEU A 242 -1.28 14.54 -1.70
CA LEU A 242 -2.31 13.59 -1.25
C LEU A 242 -3.69 14.10 -1.62
N PHE A 243 -3.93 15.41 -1.51
CA PHE A 243 -5.28 15.99 -1.64
C PHE A 243 -5.51 16.66 -3.00
N GLY A 244 -4.47 16.85 -3.83
CA GLY A 244 -4.64 17.39 -5.20
C GLY A 244 -4.65 18.91 -5.22
N LEU A 245 -3.62 19.55 -4.64
CA LEU A 245 -3.53 21.03 -4.47
C LEU A 245 -2.27 21.46 -5.22
N PRO A 246 -2.33 21.59 -6.57
CA PRO A 246 -1.12 21.81 -7.37
C PRO A 246 -0.41 23.15 -7.10
N LEU A 247 -1.14 24.20 -6.75
CA LEU A 247 -0.51 25.51 -6.44
C LEU A 247 0.27 25.37 -5.14
N LEU A 248 -0.26 24.60 -4.18
CA LEU A 248 0.41 24.40 -2.87
C LEU A 248 1.68 23.57 -3.12
N PHE A 249 1.59 22.52 -3.94
CA PHE A 249 2.75 21.69 -4.31
C PHE A 249 3.90 22.58 -4.78
N LEU A 250 3.65 23.57 -5.66
CA LEU A 250 4.76 24.45 -6.14
C LEU A 250 5.22 25.42 -5.04
N GLU A 251 4.30 26.12 -4.39
CA GLU A 251 4.65 27.16 -3.38
C GLU A 251 5.32 26.60 -2.14
N GLU A 252 4.98 25.38 -1.70
CA GLU A 252 5.60 24.78 -0.48
C GLU A 252 6.70 23.78 -0.81
N PHE A 253 7.15 23.72 -2.06
CA PHE A 253 8.15 22.70 -2.46
C PHE A 253 9.36 22.81 -1.55
N PRO A 254 9.74 21.73 -0.84
CA PRO A 254 10.71 21.82 0.22
C PRO A 254 12.15 22.05 -0.27
N ASP A 255 12.94 22.56 0.65
CA ASP A 255 14.38 22.80 0.45
C ASP A 255 15.09 21.45 0.68
N ILE A 256 15.53 20.83 -0.40
CA ILE A 256 16.18 19.49 -0.40
C ILE A 256 17.49 19.54 0.41
N GLY A 257 18.24 20.64 0.32
CA GLY A 257 19.44 20.84 1.15
C GLY A 257 19.15 20.68 2.63
N ARG A 258 18.13 21.36 3.13
CA ARG A 258 17.77 21.31 4.58
C ARG A 258 17.35 19.88 4.93
N LEU A 259 16.55 19.24 4.07
CA LEU A 259 16.04 17.87 4.33
C LEU A 259 17.24 16.92 4.45
N GLU A 260 18.21 16.99 3.53
CA GLU A 260 19.45 16.16 3.60
C GLU A 260 20.11 16.35 4.97
N SER A 261 20.22 17.60 5.43
CA SER A 261 20.91 17.97 6.70
C SER A 261 20.15 17.40 7.87
N TYR A 262 18.81 17.44 7.88
CA TYR A 262 18.00 16.84 8.97
C TYR A 262 18.32 15.34 9.04
N ILE A 263 18.33 14.66 7.89
CA ILE A 263 18.46 13.18 7.86
C ILE A 263 19.90 12.82 8.22
N GLU A 264 20.88 13.48 7.60
CA GLU A 264 22.34 13.33 7.92
C GLU A 264 22.53 13.55 9.43
N GLU A 265 22.03 14.64 10.01
CA GLU A 265 22.22 14.84 11.46
C GLU A 265 21.59 13.68 12.26
N LEU A 266 20.36 13.25 11.97
CA LEU A 266 19.72 12.17 12.79
C LEU A 266 20.49 10.87 12.60
N ALA A 267 20.93 10.57 11.38
CA ALA A 267 21.64 9.32 11.06
C ALA A 267 23.00 9.31 11.76
N GLU A 268 23.69 10.44 11.80
CA GLU A 268 25.02 10.56 12.46
C GLU A 268 24.85 10.50 13.98
N THR A 269 23.80 11.08 14.55
CA THR A 269 23.57 10.97 16.01
C THR A 269 23.27 9.50 16.34
N TRP A 270 22.44 8.83 15.56
CA TRP A 270 22.17 7.39 15.77
C TRP A 270 23.49 6.60 15.73
N GLY A 271 24.32 6.82 14.72
CA GLY A 271 25.61 6.11 14.55
C GLY A 271 26.55 6.36 15.71
N GLY A 272 26.62 7.60 16.20
CA GLY A 272 27.48 8.04 17.32
C GLY A 272 27.03 7.48 18.66
N ALA A 273 25.78 7.03 18.80
CA ALA A 273 25.25 6.41 20.04
C ALA A 273 25.50 4.90 20.03
N ILE A 274 26.12 4.34 18.99
CA ILE A 274 26.44 2.88 18.98
C ILE A 274 27.70 2.65 19.82
N ALA A 275 27.58 1.84 20.87
CA ALA A 275 28.70 1.48 21.78
C ALA A 275 29.18 0.07 21.44
N VAL A 276 30.48 -0.05 21.19
CA VAL A 276 31.13 -1.32 20.82
C VAL A 276 32.11 -1.67 21.94
N ASN A 277 31.85 -2.71 22.70
CA ASN A 277 32.79 -3.18 23.75
C ASN A 277 33.63 -4.32 23.17
N ALA A 278 34.87 -4.02 22.77
CA ALA A 278 35.83 -4.93 22.08
C ALA A 278 36.13 -6.13 22.97
N GLU A 279 36.30 -5.88 24.28
CA GLU A 279 36.58 -6.89 25.33
C GLU A 279 35.51 -8.00 25.24
N GLU A 280 34.26 -7.70 25.65
CA GLU A 280 33.18 -8.72 25.73
C GLU A 280 32.40 -8.79 24.40
N LYS A 281 32.89 -8.19 23.32
CA LYS A 281 32.36 -8.37 21.94
C LYS A 281 30.84 -8.11 21.89
N ALA A 282 30.43 -6.91 22.28
CA ALA A 282 29.02 -6.48 22.37
C ALA A 282 28.91 -5.13 21.67
N VAL A 283 27.99 -5.06 20.73
CA VAL A 283 27.42 -3.83 20.12
C VAL A 283 26.13 -3.47 20.85
N THR A 284 26.03 -2.25 21.36
CA THR A 284 24.74 -1.73 21.87
C THR A 284 24.38 -0.46 21.10
N ARG A 285 23.25 -0.51 20.40
CA ARG A 285 22.78 0.68 19.67
C ARG A 285 21.91 1.42 20.66
N ARG A 286 22.53 2.37 21.35
CA ARG A 286 21.94 3.13 22.47
C ARG A 286 20.73 3.95 22.01
N LEU A 287 20.75 4.44 20.77
CA LEU A 287 19.58 5.17 20.24
C LEU A 287 18.86 4.31 19.20
N ALA A 288 17.53 4.34 19.23
CA ALA A 288 16.69 3.76 18.17
C ALA A 288 16.19 4.87 17.23
N PHE A 289 16.03 4.56 15.96
CA PHE A 289 15.31 5.44 15.00
C PHE A 289 13.83 5.41 15.36
N GLY A 290 13.16 6.56 15.29
CA GLY A 290 11.71 6.69 15.41
C GLY A 290 11.06 6.83 14.03
N SER A 291 9.73 6.79 13.98
CA SER A 291 8.94 6.85 12.73
C SER A 291 9.21 8.17 12.02
N GLY A 292 9.46 9.23 12.78
CA GLY A 292 9.81 10.55 12.23
C GLY A 292 11.01 10.49 11.31
N PHE A 293 11.99 9.61 11.61
CA PHE A 293 13.17 9.43 10.74
C PHE A 293 12.68 8.89 9.40
N GLY A 294 11.79 7.90 9.42
CA GLY A 294 11.28 7.29 8.17
C GLY A 294 10.46 8.27 7.39
N THR A 295 9.60 9.01 8.08
CA THR A 295 8.82 10.08 7.41
C THR A 295 9.75 11.08 6.69
N LEU A 296 10.82 11.54 7.34
CA LEU A 296 11.75 12.50 6.72
C LEU A 296 12.38 11.87 5.48
N VAL A 297 12.81 10.60 5.57
CA VAL A 297 13.50 9.93 4.44
C VAL A 297 12.53 9.82 3.25
N LYS A 298 11.28 9.43 3.51
CA LYS A 298 10.25 9.29 2.46
C LYS A 298 9.92 10.66 1.88
N LEU A 299 9.89 11.68 2.73
CA LEU A 299 9.62 13.08 2.30
C LEU A 299 10.73 13.55 1.36
N LEU A 300 11.99 13.35 1.74
CA LEU A 300 13.12 13.75 0.89
C LEU A 300 13.00 12.98 -0.44
N PHE A 301 12.74 11.69 -0.37
CA PHE A 301 12.68 10.85 -1.59
C PHE A 301 11.55 11.37 -2.47
N GLN A 302 10.37 11.68 -1.91
CA GLN A 302 9.28 12.28 -2.73
C GLN A 302 9.70 13.63 -3.35
N ALA A 303 10.43 14.45 -2.61
CA ALA A 303 10.88 15.76 -3.15
C ALA A 303 11.87 15.49 -4.29
N ARG A 304 12.74 14.47 -4.18
CA ARG A 304 13.67 14.14 -5.29
C ARG A 304 12.85 13.68 -6.50
N ILE A 305 11.84 12.83 -6.30
CA ILE A 305 11.04 12.24 -7.40
C ILE A 305 10.31 13.36 -8.17
N THR A 306 9.87 14.40 -7.49
CA THR A 306 8.94 15.38 -8.11
C THR A 306 9.67 16.68 -8.46
N ARG A 307 10.98 16.77 -8.20
CA ARG A 307 11.72 18.04 -8.28
C ARG A 307 11.77 18.53 -9.73
N GLY A 308 11.72 17.64 -10.72
CA GLY A 308 11.67 18.02 -12.15
C GLY A 308 10.46 18.91 -12.46
N LEU A 309 9.37 18.83 -11.70
CA LEU A 309 8.18 19.69 -11.92
C LEU A 309 8.39 21.11 -11.41
N LEU A 310 9.33 21.39 -10.50
CA LEU A 310 9.39 22.69 -9.81
C LEU A 310 9.84 23.74 -10.82
N VAL A 311 9.35 24.96 -10.69
CA VAL A 311 9.82 26.09 -11.55
C VAL A 311 9.91 27.33 -10.68
N GLU A 312 10.46 28.40 -11.27
CA GLU A 312 10.54 29.73 -10.64
C GLU A 312 9.10 30.27 -10.49
N GLU A 313 8.98 31.23 -9.61
CA GLU A 313 7.72 31.67 -8.99
C GLU A 313 6.53 32.05 -9.86
N PRO A 314 6.55 32.70 -11.04
CA PRO A 314 5.27 32.99 -11.65
C PRO A 314 4.71 31.61 -12.03
N TYR A 315 3.54 31.26 -11.54
CA TYR A 315 2.90 29.91 -11.80
C TYR A 315 1.62 30.10 -12.59
N SER A 316 1.62 29.62 -13.83
CA SER A 316 0.53 29.82 -14.82
C SER A 316 -0.50 28.70 -14.68
N ILE A 317 -1.70 28.94 -15.16
CA ILE A 317 -2.72 27.88 -15.25
C ILE A 317 -2.18 26.74 -16.11
N GLU A 318 -1.43 27.06 -17.16
CA GLU A 318 -0.86 26.05 -18.08
C GLU A 318 0.07 25.13 -17.28
N LYS A 319 0.93 25.71 -16.46
CA LYS A 319 1.87 24.94 -15.60
C LYS A 319 1.08 24.10 -14.59
N LEU A 320 0.01 24.66 -14.02
CA LEU A 320 -0.79 23.95 -13.02
C LEU A 320 -1.46 22.75 -13.67
N TYR A 321 -1.95 22.85 -14.92
CA TYR A 321 -2.48 21.67 -15.66
C TYR A 321 -1.41 20.58 -15.82
N SER A 322 -0.18 20.92 -16.21
CA SER A 322 0.86 19.92 -16.59
C SER A 322 1.38 19.20 -15.34
N VAL A 323 1.58 19.93 -14.24
CA VAL A 323 1.92 19.42 -12.89
C VAL A 323 0.85 18.43 -12.42
N SER A 324 -0.43 18.82 -12.53
CA SER A 324 -1.60 18.02 -12.08
C SER A 324 -1.74 16.74 -12.92
N ASP A 325 -1.55 16.82 -14.23
CA ASP A 325 -1.48 15.64 -15.12
C ASP A 325 -0.41 14.64 -14.66
N ARG A 326 0.74 15.06 -14.10
CA ARG A 326 1.79 14.09 -13.63
C ARG A 326 1.49 13.58 -12.22
N LEU A 327 0.93 14.42 -11.35
CA LEU A 327 0.80 14.06 -9.92
C LEU A 327 -0.50 13.35 -9.61
N PHE A 328 -1.60 13.67 -10.30
CA PHE A 328 -2.97 13.33 -9.80
C PHE A 328 -3.66 12.32 -10.70
N ARG A 329 -4.62 11.59 -10.15
CA ARG A 329 -5.43 10.62 -10.91
C ARG A 329 -6.90 10.70 -10.50
N GLY A 330 -7.73 9.92 -11.16
CA GLY A 330 -9.14 9.71 -10.76
C GLY A 330 -9.86 11.03 -10.62
N SER A 331 -10.78 11.11 -9.66
CA SER A 331 -11.65 12.29 -9.42
C SER A 331 -10.83 13.49 -8.91
N THR A 332 -9.75 13.28 -8.16
CA THR A 332 -8.80 14.34 -7.74
C THR A 332 -8.33 15.10 -9.00
N LEU A 333 -7.83 14.39 -10.02
CA LEU A 333 -7.34 15.05 -11.25
C LEU A 333 -8.49 15.82 -11.91
N GLN A 334 -9.66 15.21 -12.00
CA GLN A 334 -10.78 15.86 -12.73
C GLN A 334 -11.21 17.10 -11.96
N ARG A 335 -11.21 17.06 -10.63
CA ARG A 335 -11.62 18.25 -9.88
C ARG A 335 -10.57 19.36 -10.06
N VAL A 336 -9.29 19.06 -10.16
CA VAL A 336 -8.28 20.11 -10.47
C VAL A 336 -8.65 20.74 -11.82
N ARG A 337 -8.90 19.92 -12.84
CA ARG A 337 -9.16 20.44 -14.21
C ARG A 337 -10.45 21.26 -14.21
N VAL A 338 -11.52 20.84 -13.51
CA VAL A 338 -12.75 21.68 -13.35
C VAL A 338 -12.36 23.06 -12.81
N GLU A 339 -11.58 23.14 -11.74
CA GLU A 339 -11.25 24.43 -11.08
C GLU A 339 -10.38 25.27 -12.01
N LEU A 340 -9.32 24.68 -12.60
CA LEU A 340 -8.42 25.47 -13.48
C LEU A 340 -9.24 25.97 -14.67
N GLY A 341 -10.08 25.09 -15.23
CA GLY A 341 -10.92 25.41 -16.40
C GLY A 341 -11.77 26.66 -16.16
N LYS A 342 -12.42 26.77 -14.97
CA LYS A 342 -13.29 27.93 -14.63
C LYS A 342 -12.46 29.21 -14.61
N ILE A 343 -11.28 29.13 -14.03
CA ILE A 343 -10.44 30.35 -13.90
C ILE A 343 -9.96 30.65 -15.31
N GLU A 344 -9.61 29.61 -16.04
CA GLU A 344 -9.15 29.77 -17.44
C GLU A 344 -10.24 30.45 -18.30
N ASP A 345 -11.49 29.99 -18.26
CA ASP A 345 -12.58 30.53 -19.12
C ASP A 345 -12.77 32.02 -18.90
N LYS A 346 -12.77 32.47 -17.64
CA LYS A 346 -12.86 33.90 -17.35
C LYS A 346 -11.62 34.62 -17.88
N ALA A 347 -10.46 33.96 -17.89
CA ALA A 347 -9.22 34.61 -18.40
C ALA A 347 -9.41 34.83 -19.89
N ILE A 348 -9.97 33.85 -20.56
CA ILE A 348 -10.26 33.91 -22.01
C ILE A 348 -11.21 35.10 -22.24
N LYS A 349 -12.34 35.16 -21.52
CA LYS A 349 -13.34 36.27 -21.65
C LYS A 349 -12.66 37.63 -21.45
N TYR A 350 -11.89 37.83 -20.37
CA TYR A 350 -11.17 39.10 -20.15
C TYR A 350 -10.21 39.42 -21.31
N ALA A 351 -9.56 38.40 -21.90
CA ALA A 351 -8.43 38.58 -22.86
C ALA A 351 -9.03 39.09 -24.18
N ARG A 352 -10.16 38.52 -24.55
CA ARG A 352 -10.97 38.92 -25.71
C ARG A 352 -11.37 40.40 -25.65
N LYS A 353 -11.49 41.00 -24.47
CA LYS A 353 -11.96 42.39 -24.27
C LYS A 353 -10.78 43.31 -23.94
N GLY A 354 -9.54 42.83 -23.96
CA GLY A 354 -8.36 43.63 -23.64
C GLY A 354 -8.26 43.99 -22.16
N ALA A 355 -8.93 43.25 -21.28
CA ALA A 355 -8.74 43.36 -19.82
C ALA A 355 -7.72 42.31 -19.37
N PHE A 356 -6.68 42.76 -18.66
CA PHE A 356 -5.52 42.00 -18.14
C PHE A 356 -5.38 42.34 -16.67
N PRO A 357 -6.34 41.96 -15.81
CA PRO A 357 -6.24 42.24 -14.38
C PRO A 357 -4.95 41.73 -13.71
N ARG A 358 -4.32 42.58 -12.90
CA ARG A 358 -3.11 42.30 -12.09
C ARG A 358 -3.45 42.33 -10.59
N ASP A 359 -2.82 41.47 -9.82
CA ASP A 359 -2.94 41.41 -8.34
C ASP A 359 -4.43 41.48 -7.95
N ILE A 360 -5.30 40.69 -8.56
CA ILE A 360 -6.74 40.70 -8.21
C ILE A 360 -7.12 39.45 -7.40
N PRO A 361 -7.85 39.62 -6.28
CA PRO A 361 -8.37 38.47 -5.54
C PRO A 361 -9.16 37.56 -6.50
N LEU A 362 -9.02 36.24 -6.36
CA LEU A 362 -9.71 35.30 -7.28
C LEU A 362 -11.22 35.52 -7.18
N ARG A 363 -11.70 35.83 -5.98
CA ARG A 363 -13.13 36.20 -5.72
C ARG A 363 -13.58 37.28 -6.75
N ASP A 364 -12.87 38.41 -6.86
CA ASP A 364 -13.23 39.51 -7.81
C ASP A 364 -13.09 39.02 -9.26
N PHE A 365 -12.05 38.23 -9.57
CA PHE A 365 -11.74 37.75 -10.94
C PHE A 365 -12.91 36.91 -11.45
N LEU A 366 -13.45 36.07 -10.57
CA LEU A 366 -14.60 35.21 -10.92
C LEU A 366 -15.92 35.99 -10.72
N GLY A 367 -15.90 37.11 -10.01
CA GLY A 367 -17.12 37.91 -9.81
C GLY A 367 -18.00 37.37 -8.72
N PHE A 368 -17.40 36.96 -7.60
CA PHE A 368 -18.13 36.47 -6.41
C PHE A 368 -18.38 37.63 -5.44
N ASP A 369 -18.83 37.31 -4.22
CA ASP A 369 -19.13 38.29 -3.13
C ASP A 369 -20.24 39.20 -3.63
N ASN A 372 -19.53 35.58 1.35
CA ASN A 372 -18.66 35.60 2.56
C ASN A 372 -17.19 35.65 2.10
N ARG A 373 -16.31 36.33 2.86
CA ARG A 373 -14.84 36.38 2.63
C ARG A 373 -14.11 35.48 3.65
N GLU A 374 -14.87 34.62 4.33
CA GLU A 374 -14.37 33.64 5.31
C GLU A 374 -13.81 32.44 4.56
N VAL A 375 -12.64 31.94 4.95
CA VAL A 375 -11.97 30.79 4.30
C VAL A 375 -12.47 29.52 4.98
N SER A 376 -13.18 28.63 4.27
CA SER A 376 -13.56 27.31 4.86
C SER A 376 -12.61 26.20 4.44
N PRO A 377 -12.28 25.29 5.38
CA PRO A 377 -11.54 24.08 5.08
C PRO A 377 -12.20 23.25 3.97
N ARG A 378 -13.52 23.14 4.02
CA ARG A 378 -14.26 22.37 3.00
C ARG A 378 -13.93 22.91 1.61
N ASN A 379 -14.00 24.22 1.41
CA ASN A 379 -13.87 24.88 0.09
C ASN A 379 -12.42 24.85 -0.40
N VAL A 380 -11.42 24.97 0.49
CA VAL A 380 -9.98 24.86 0.14
C VAL A 380 -9.70 23.44 -0.40
N LEU A 381 -10.22 22.41 0.25
CA LEU A 381 -9.88 21.02 -0.09
C LEU A 381 -10.67 20.60 -1.32
N ALA A 382 -11.95 21.01 -1.42
CA ALA A 382 -12.85 20.57 -2.50
C ALA A 382 -12.48 21.26 -3.82
N ALA A 383 -11.94 22.48 -3.77
CA ALA A 383 -11.59 23.28 -4.97
C ALA A 383 -10.07 23.19 -5.23
N ALA A 384 -9.42 22.08 -4.83
CA ALA A 384 -8.00 21.77 -5.16
C ALA A 384 -7.07 22.91 -4.72
N GLY A 385 -7.38 23.50 -3.58
CA GLY A 385 -6.59 24.57 -2.97
C GLY A 385 -6.88 25.93 -3.56
N LEU A 386 -7.67 25.99 -4.63
CA LEU A 386 -7.83 27.25 -5.39
C LEU A 386 -9.07 27.98 -4.88
N GLU A 387 -9.09 28.31 -3.60
CA GLU A 387 -10.22 28.99 -2.94
C GLU A 387 -10.12 30.48 -3.26
N ALA A 388 -11.25 31.09 -3.58
CA ALA A 388 -11.36 32.48 -4.07
C ALA A 388 -10.88 33.50 -3.03
N ASN A 389 -10.86 33.18 -1.73
CA ASN A 389 -10.43 34.17 -0.69
C ASN A 389 -8.95 34.01 -0.33
N VAL A 390 -8.23 33.06 -0.93
CA VAL A 390 -6.80 32.87 -0.57
C VAL A 390 -5.89 33.00 -1.80
N VAL A 391 -6.44 33.06 -3.01
CA VAL A 391 -5.65 33.11 -4.29
C VAL A 391 -5.72 34.51 -4.89
N GLU A 392 -4.59 34.99 -5.38
CA GLU A 392 -4.46 36.21 -6.21
C GLU A 392 -4.15 35.78 -7.64
N VAL A 393 -4.85 36.41 -8.60
CA VAL A 393 -4.67 36.25 -10.07
C VAL A 393 -3.89 37.46 -10.62
N SER A 394 -2.98 37.24 -11.57
CA SER A 394 -2.40 38.26 -12.47
C SER A 394 -2.34 37.69 -13.89
N MET A 395 -2.95 38.39 -14.83
CA MET A 395 -2.74 38.14 -16.27
C MET A 395 -1.68 39.12 -16.78
N GLU A 396 -0.65 38.58 -17.43
CA GLU A 396 0.26 39.33 -18.33
C GLU A 396 -0.60 39.99 -19.42
N ALA A 397 -0.34 41.25 -19.74
CA ALA A 397 -0.91 41.84 -20.98
C ALA A 397 -0.22 41.16 -22.16
N TRP A 398 -0.97 40.68 -23.14
CA TRP A 398 -0.41 40.32 -24.49
C TRP A 398 -1.46 40.63 -25.56
N GLU A 399 -1.05 40.60 -26.83
CA GLU A 399 -1.95 40.79 -28.02
C GLU A 399 -2.61 39.47 -28.37
N PRO A 400 -3.83 39.17 -27.84
CA PRO A 400 -4.41 37.86 -28.08
C PRO A 400 -4.69 37.71 -29.57
N LYS A 401 -4.27 36.61 -30.15
CA LYS A 401 -4.66 36.21 -31.52
C LYS A 401 -5.51 34.97 -31.36
N ARG A 402 -5.09 34.02 -30.52
CA ARG A 402 -5.86 32.78 -30.29
C ARG A 402 -6.04 32.68 -28.78
N PRO A 403 -6.94 33.49 -28.21
CA PRO A 403 -7.04 33.66 -26.75
C PRO A 403 -7.37 32.36 -25.99
N GLU A 404 -8.17 31.46 -26.57
CA GLU A 404 -8.59 30.19 -25.94
C GLU A 404 -7.36 29.28 -25.74
N GLU A 405 -6.32 29.40 -26.57
CA GLU A 405 -5.10 28.56 -26.38
C GLU A 405 -4.02 29.31 -25.63
N GLU A 406 -4.10 30.64 -25.60
CA GLU A 406 -3.03 31.49 -25.00
C GLU A 406 -3.32 31.88 -23.55
N ALA A 407 -4.58 32.04 -23.14
CA ALA A 407 -4.90 32.60 -21.79
C ALA A 407 -4.21 31.80 -20.66
N GLY A 408 -4.25 30.48 -20.70
CA GLY A 408 -3.67 29.61 -19.64
C GLY A 408 -2.22 29.96 -19.25
N ARG A 409 -1.36 30.14 -20.24
CA ARG A 409 0.09 30.51 -20.13
C ARG A 409 0.24 31.85 -19.43
N HIS A 410 -0.58 32.83 -19.81
CA HIS A 410 -0.49 34.25 -19.36
C HIS A 410 -1.20 34.49 -18.00
N THR A 411 -1.93 33.51 -17.49
CA THR A 411 -2.74 33.71 -16.26
C THR A 411 -2.04 33.03 -15.08
N HIS A 412 -1.58 33.83 -14.13
CA HIS A 412 -0.69 33.40 -13.02
C HIS A 412 -1.52 33.40 -11.72
N LEU A 413 -1.35 32.35 -10.90
CA LEU A 413 -1.98 32.21 -9.57
C LEU A 413 -0.88 32.20 -8.51
N LYS A 414 -1.21 32.79 -7.38
CA LYS A 414 -0.38 32.66 -6.17
C LYS A 414 -1.27 32.85 -4.96
N TYR A 415 -0.94 32.19 -3.87
CA TYR A 415 -1.57 32.41 -2.55
C TYR A 415 -1.13 33.79 -2.04
N THR A 416 -2.04 34.56 -1.43
CA THR A 416 -1.68 35.80 -0.68
C THR A 416 -0.88 35.35 0.54
N PRO A 417 -0.07 36.22 1.17
CA PRO A 417 0.59 35.86 2.43
C PRO A 417 -0.38 35.25 3.47
N VAL A 418 -1.52 35.91 3.67
CA VAL A 418 -2.50 35.52 4.71
C VAL A 418 -3.15 34.22 4.25
N GLY A 419 -3.60 34.16 2.99
CA GLY A 419 -4.25 33.00 2.37
C GLY A 419 -3.38 31.75 2.48
N LEU A 420 -2.09 31.85 2.19
CA LEU A 420 -1.18 30.68 2.27
C LEU A 420 -1.21 30.17 3.71
N LYS A 421 -1.13 31.07 4.70
CA LYS A 421 -1.02 30.66 6.12
C LYS A 421 -2.26 29.88 6.49
N LYS A 422 -3.43 30.34 6.05
CA LYS A 422 -4.72 29.67 6.28
C LYS A 422 -4.71 28.30 5.61
N VAL A 423 -4.27 28.25 4.36
CA VAL A 423 -4.25 26.98 3.61
C VAL A 423 -3.34 26.01 4.35
N GLU A 424 -2.17 26.47 4.84
CA GLU A 424 -1.18 25.61 5.54
C GLU A 424 -1.86 24.98 6.76
N ASP A 425 -2.58 25.77 7.54
CA ASP A 425 -3.30 25.29 8.75
C ASP A 425 -4.31 24.23 8.32
N ILE A 426 -5.09 24.51 7.28
CA ILE A 426 -6.18 23.59 6.83
C ILE A 426 -5.57 22.25 6.37
N VAL A 427 -4.51 22.27 5.56
CA VAL A 427 -3.95 21.04 4.95
C VAL A 427 -3.18 20.24 6.01
N SER A 428 -2.36 20.91 6.81
CA SER A 428 -1.64 20.29 7.94
C SER A 428 -2.65 19.56 8.84
N ARG A 429 -3.77 20.22 9.16
CA ARG A 429 -4.79 19.67 10.09
C ARG A 429 -5.52 18.52 9.40
N ALA A 430 -5.77 18.58 8.09
CA ALA A 430 -6.46 17.47 7.38
C ALA A 430 -5.51 16.29 7.26
N LEU A 431 -4.20 16.54 7.14
CA LEU A 431 -3.19 15.44 7.08
C LEU A 431 -3.22 14.68 8.40
N LYS A 432 -3.31 15.40 9.54
CA LYS A 432 -3.15 14.84 10.91
C LYS A 432 -4.43 14.08 11.27
N GLU A 433 -5.58 14.56 10.79
CA GLU A 433 -6.93 14.04 11.12
C GLU A 433 -7.33 12.86 10.23
N SER A 434 -6.45 12.33 9.38
CA SER A 434 -6.67 11.04 8.67
C SER A 434 -5.54 10.05 8.97
N HIS A 435 -4.78 10.27 10.06
CA HIS A 435 -3.67 9.39 10.53
C HIS A 435 -4.08 8.66 11.82
N MET B 3 -11.45 -6.96 18.23
CA MET B 3 -11.02 -8.34 17.88
C MET B 3 -9.49 -8.39 17.70
N LYS B 4 -8.81 -9.31 18.41
CA LYS B 4 -7.35 -9.53 18.34
C LYS B 4 -7.06 -10.83 17.59
N LEU B 5 -6.34 -10.75 16.46
CA LEU B 5 -6.15 -11.89 15.53
C LEU B 5 -4.66 -12.16 15.44
N LEU B 6 -4.24 -13.38 15.77
CA LEU B 6 -2.82 -13.80 15.70
C LEU B 6 -2.67 -14.70 14.48
N VAL B 7 -1.80 -14.30 13.54
CA VAL B 7 -1.43 -15.08 12.33
C VAL B 7 0.05 -15.44 12.41
N VAL B 8 0.38 -16.72 12.24
CA VAL B 8 1.79 -17.20 12.19
C VAL B 8 2.05 -17.94 10.88
N SER B 9 3.30 -17.88 10.44
CA SER B 9 3.75 -18.52 9.20
C SER B 9 4.73 -19.61 9.62
N TRP B 10 4.43 -20.85 9.26
CA TRP B 10 5.14 -22.06 9.76
C TRP B 10 5.71 -22.84 8.58
N GLY B 11 6.93 -23.34 8.77
CA GLY B 11 7.60 -24.32 7.91
C GLY B 11 7.39 -25.71 8.47
N ASP B 12 8.49 -26.46 8.61
CA ASP B 12 8.52 -27.87 9.05
C ASP B 12 8.77 -27.86 10.55
N PHE B 13 7.68 -27.72 11.31
CA PHE B 13 7.64 -27.51 12.78
C PHE B 13 8.28 -28.68 13.53
N GLU B 14 8.22 -29.89 12.99
CA GLU B 14 8.81 -31.08 13.67
C GLU B 14 10.33 -30.92 13.83
N ARG B 15 11.00 -30.15 12.97
CA ARG B 15 12.47 -29.97 13.02
C ARG B 15 12.90 -28.99 14.13
N TRP B 16 12.01 -28.17 14.68
CA TRP B 16 12.40 -27.03 15.54
C TRP B 16 12.93 -27.61 16.86
N LYS B 17 13.92 -26.94 17.44
CA LYS B 17 14.63 -27.34 18.67
C LYS B 17 13.97 -26.61 19.86
N GLU B 18 14.02 -27.21 21.04
CA GLU B 18 13.47 -26.57 22.26
C GLU B 18 14.40 -25.42 22.63
N THR B 19 13.85 -24.24 22.85
CA THR B 19 14.62 -23.04 23.23
C THR B 19 13.81 -22.24 24.23
N LYS B 20 14.43 -21.24 24.83
CA LYS B 20 13.65 -20.37 25.72
C LYS B 20 13.46 -19.04 25.00
N TYR B 21 12.23 -18.61 24.93
CA TYR B 21 11.78 -17.37 24.27
C TYR B 21 11.51 -16.35 25.37
N ARG B 22 11.87 -15.09 25.07
CA ARG B 22 11.56 -13.87 25.86
C ARG B 22 10.67 -12.96 25.02
N PHE B 23 9.52 -12.59 25.57
CA PHE B 23 8.48 -11.75 24.94
C PHE B 23 7.61 -11.16 26.06
N GLY B 24 7.37 -9.84 26.03
CA GLY B 24 6.33 -9.19 26.87
C GLY B 24 6.58 -9.37 28.36
N GLY B 25 7.86 -9.31 28.77
CA GLY B 25 8.31 -9.54 30.14
C GLY B 25 8.16 -11.00 30.59
N GLU B 26 7.76 -11.90 29.70
CA GLU B 26 7.49 -13.32 30.08
C GLU B 26 8.58 -14.20 29.48
N THR B 27 8.54 -15.47 29.88
CA THR B 27 9.57 -16.47 29.50
C THR B 27 8.85 -17.78 29.17
N SER B 28 9.34 -18.55 28.21
CA SER B 28 8.74 -19.81 27.73
C SER B 28 9.84 -20.75 27.23
N VAL B 29 9.69 -22.04 27.46
CA VAL B 29 10.63 -23.07 26.95
C VAL B 29 9.78 -23.96 26.06
N GLY B 30 10.25 -24.25 24.87
CA GLY B 30 9.45 -25.01 23.89
C GLY B 30 10.02 -24.81 22.50
N PRO B 31 9.56 -25.62 21.53
CA PRO B 31 10.09 -25.58 20.18
C PRO B 31 9.45 -24.48 19.33
N SER B 32 8.45 -23.77 19.86
CA SER B 32 7.62 -22.81 19.10
C SER B 32 7.42 -21.53 19.89
N THR B 33 7.33 -20.43 19.16
CA THR B 33 6.98 -19.09 19.69
C THR B 33 5.50 -19.04 20.02
N LEU B 34 4.70 -19.95 19.53
CA LEU B 34 3.23 -19.75 19.56
C LEU B 34 2.68 -19.66 20.99
N PRO B 35 2.99 -20.56 21.94
CA PRO B 35 2.41 -20.45 23.27
C PRO B 35 2.67 -19.08 23.95
N ILE B 36 3.90 -18.55 23.90
CA ILE B 36 4.26 -17.27 24.58
C ILE B 36 3.57 -16.11 23.85
N LEU B 37 3.49 -16.14 22.51
CA LEU B 37 2.71 -15.12 21.75
C LEU B 37 1.26 -15.11 22.24
N GLN B 38 0.66 -16.28 22.38
CA GLN B 38 -0.78 -16.44 22.76
C GLN B 38 -0.98 -16.00 24.22
N LYS B 39 0.03 -16.18 25.06
CA LYS B 39 -0.04 -15.82 26.50
C LYS B 39 -0.02 -14.30 26.66
N VAL B 40 0.94 -13.63 26.00
CA VAL B 40 1.15 -12.16 26.09
C VAL B 40 0.04 -11.41 25.34
N ILE B 41 -0.34 -11.87 24.15
CA ILE B 41 -1.31 -11.17 23.24
C ILE B 41 -2.76 -11.53 23.60
N LYS B 42 -3.05 -12.75 24.04
CA LYS B 42 -4.45 -13.18 24.35
C LYS B 42 -5.37 -12.94 23.16
N PRO B 43 -5.00 -13.48 21.98
CA PRO B 43 -5.80 -13.35 20.75
C PRO B 43 -7.19 -13.97 20.94
N ASP B 44 -8.21 -13.42 20.28
CA ASP B 44 -9.55 -14.04 20.20
C ASP B 44 -9.48 -15.20 19.22
N TRP B 45 -8.46 -15.23 18.34
CA TRP B 45 -8.37 -16.24 17.25
C TRP B 45 -6.94 -16.32 16.73
N THR B 46 -6.52 -17.56 16.38
CA THR B 46 -5.17 -17.89 15.87
C THR B 46 -5.32 -18.56 14.50
N VAL B 47 -4.55 -18.10 13.54
CA VAL B 47 -4.44 -18.70 12.17
C VAL B 47 -3.00 -19.16 12.00
N ILE B 48 -2.78 -20.44 11.67
CA ILE B 48 -1.46 -21.01 11.31
C ILE B 48 -1.48 -21.19 9.78
N VAL B 49 -0.53 -20.59 9.08
CA VAL B 49 -0.34 -20.87 7.63
C VAL B 49 0.89 -21.77 7.49
N LEU B 50 0.69 -22.92 6.83
CA LEU B 50 1.69 -24.02 6.55
C LEU B 50 1.69 -24.30 5.07
N SER B 51 2.78 -24.87 4.57
CA SER B 51 2.86 -25.47 3.22
C SER B 51 2.45 -26.95 3.27
N ASP B 52 1.64 -27.39 2.31
CA ASP B 52 1.26 -28.81 2.16
C ASP B 52 2.51 -29.66 1.85
N THR B 53 3.65 -29.03 1.58
CA THR B 53 4.88 -29.74 1.15
C THR B 53 5.45 -30.61 2.27
N ILE B 54 4.95 -30.49 3.49
CA ILE B 54 5.46 -31.42 4.55
C ILE B 54 4.67 -32.74 4.53
N GLY B 55 3.64 -32.87 3.71
CA GLY B 55 2.81 -34.09 3.65
C GLY B 55 3.54 -35.31 3.10
N LYS B 56 3.25 -36.49 3.65
CA LYS B 56 3.89 -37.77 3.21
C LYS B 56 2.90 -38.81 2.65
N ASP B 57 1.63 -38.80 3.04
CA ASP B 57 0.63 -39.81 2.54
C ASP B 57 0.16 -39.44 1.14
N PHE B 58 0.49 -40.21 0.12
CA PHE B 58 0.37 -39.67 -1.26
C PHE B 58 -0.76 -40.32 -2.04
N SER B 59 -1.81 -40.81 -1.39
CA SER B 59 -2.85 -41.52 -2.16
C SER B 59 -3.66 -40.45 -2.90
N SER B 60 -3.96 -39.34 -2.23
CA SER B 60 -4.81 -38.28 -2.81
C SER B 60 -4.60 -36.93 -2.11
N VAL B 61 -5.23 -35.88 -2.66
CA VAL B 61 -5.33 -34.53 -2.07
C VAL B 61 -5.84 -34.64 -0.62
N GLU B 62 -6.79 -35.55 -0.34
CA GLU B 62 -7.45 -35.61 1.00
C GLU B 62 -6.54 -36.36 1.99
N THR B 63 -5.79 -37.36 1.52
CA THR B 63 -4.85 -38.09 2.42
C THR B 63 -3.65 -37.19 2.67
N LEU B 64 -3.36 -36.31 1.71
CA LEU B 64 -2.31 -35.27 1.86
C LEU B 64 -2.71 -34.29 2.94
N ARG B 65 -3.87 -33.65 2.78
CA ARG B 65 -4.33 -32.61 3.72
C ARG B 65 -4.50 -33.23 5.10
N GLU B 66 -5.08 -34.43 5.16
CA GLU B 66 -5.24 -35.19 6.45
C GLU B 66 -3.86 -35.44 7.09
N ASP B 67 -2.89 -35.98 6.36
CA ASP B 67 -1.52 -36.21 6.94
C ASP B 67 -1.01 -34.89 7.59
N VAL B 68 -1.06 -33.79 6.84
CA VAL B 68 -0.49 -32.50 7.33
C VAL B 68 -1.29 -32.01 8.54
N ARG B 69 -2.62 -32.01 8.41
CA ARG B 69 -3.51 -31.52 9.48
C ARG B 69 -3.28 -32.33 10.77
N ASN B 70 -3.23 -33.66 10.72
CA ASN B 70 -3.00 -34.49 11.92
C ASN B 70 -1.64 -34.14 12.53
N ARG B 71 -0.62 -33.96 11.71
CA ARG B 71 0.75 -33.65 12.22
C ARG B 71 0.74 -32.29 12.95
N VAL B 72 -0.02 -31.33 12.46
CA VAL B 72 -0.09 -29.98 13.08
C VAL B 72 -0.78 -30.12 14.43
N MET B 73 -1.87 -30.88 14.51
CA MET B 73 -2.63 -30.98 15.79
C MET B 73 -1.82 -31.76 16.82
N ASP B 74 -1.11 -32.83 16.43
CA ASP B 74 -0.15 -33.51 17.35
C ASP B 74 0.78 -32.50 18.03
N PHE B 75 1.39 -31.65 17.23
CA PHE B 75 2.38 -30.64 17.71
C PHE B 75 1.67 -29.61 18.56
N LEU B 76 0.49 -29.13 18.14
CA LEU B 76 -0.25 -28.10 18.90
C LEU B 76 -0.59 -28.62 20.30
N ASP B 77 -1.06 -29.87 20.40
CA ASP B 77 -1.41 -30.50 21.71
C ASP B 77 -0.13 -30.63 22.53
N ARG B 78 0.94 -31.04 21.89
CA ARG B 78 2.23 -31.25 22.58
C ARG B 78 2.75 -29.94 23.17
N ILE B 79 2.66 -28.83 22.45
CA ILE B 79 3.18 -27.53 22.95
C ILE B 79 2.10 -26.78 23.75
N GLY B 80 0.88 -27.33 23.80
CA GLY B 80 -0.27 -26.71 24.48
C GLY B 80 -0.82 -25.46 23.80
N ALA B 81 -0.95 -25.44 22.48
CA ALA B 81 -1.47 -24.27 21.73
C ALA B 81 -2.95 -23.92 21.98
N GLY B 82 -3.85 -24.89 22.12
CA GLY B 82 -5.24 -24.48 22.40
C GLY B 82 -6.21 -24.87 21.30
N ARG B 83 -7.47 -24.45 21.51
CA ARG B 83 -8.67 -24.74 20.67
C ARG B 83 -8.69 -23.80 19.46
N GLU B 84 -8.70 -22.50 19.76
CA GLU B 84 -9.23 -21.39 18.91
C GLU B 84 -8.21 -21.10 17.80
N VAL B 85 -8.04 -22.07 16.87
CA VAL B 85 -6.99 -22.09 15.81
C VAL B 85 -7.67 -22.51 14.51
N ASP B 86 -7.44 -21.80 13.40
CA ASP B 86 -7.63 -22.29 12.01
C ASP B 86 -6.25 -22.61 11.45
N VAL B 87 -6.16 -23.69 10.70
CA VAL B 87 -4.91 -24.08 10.00
C VAL B 87 -5.16 -23.87 8.51
N ILE B 88 -4.40 -23.01 7.86
CA ILE B 88 -4.44 -22.88 6.39
C ILE B 88 -3.31 -23.72 5.82
N ILE B 89 -3.65 -24.76 5.04
CA ILE B 89 -2.64 -25.63 4.40
C ILE B 89 -2.47 -25.13 2.97
N ALA B 90 -1.48 -24.28 2.74
CA ALA B 90 -1.28 -23.58 1.46
C ALA B 90 -0.56 -24.49 0.45
N PRO B 91 -0.81 -24.28 -0.85
CA PRO B 91 -0.10 -25.03 -1.89
C PRO B 91 1.37 -24.61 -2.04
N GLY B 92 2.30 -25.43 -1.56
CA GLY B 92 3.74 -25.17 -1.66
C GLY B 92 4.31 -25.86 -2.88
N ILE B 93 5.56 -25.59 -3.21
CA ILE B 93 6.25 -26.30 -4.32
C ILE B 93 7.67 -26.71 -3.90
N GLY B 94 8.24 -27.64 -4.66
CA GLY B 94 9.62 -28.16 -4.49
C GLY B 94 9.66 -29.68 -4.52
N GLU B 95 10.91 -30.20 -4.51
CA GLU B 95 11.29 -31.65 -4.53
C GLU B 95 11.90 -32.02 -3.18
N PHE B 96 11.27 -32.90 -2.43
CA PHE B 96 11.70 -33.27 -1.06
C PHE B 96 11.91 -34.79 -0.98
N THR B 97 12.54 -35.23 0.11
CA THR B 97 12.77 -36.67 0.44
C THR B 97 11.48 -37.45 0.14
N HIS B 98 10.35 -37.02 0.74
CA HIS B 98 9.08 -37.79 0.83
C HIS B 98 8.12 -37.47 -0.32
N GLY B 99 8.49 -36.57 -1.25
CA GLY B 99 7.52 -36.12 -2.26
C GLY B 99 7.95 -34.92 -3.08
N SER B 100 7.18 -34.68 -4.13
CA SER B 100 7.44 -33.73 -5.23
C SER B 100 6.15 -32.91 -5.44
N PHE B 101 6.25 -31.59 -5.48
CA PHE B 101 5.07 -30.68 -5.52
C PHE B 101 5.27 -29.64 -6.60
N ARG B 102 4.40 -29.65 -7.61
CA ARG B 102 4.58 -28.82 -8.83
C ARG B 102 3.34 -27.99 -9.13
N GLY B 103 3.59 -26.75 -9.55
CA GLY B 103 2.54 -25.75 -9.82
C GLY B 103 3.11 -24.36 -9.67
N SER B 104 2.27 -23.35 -9.86
CA SER B 104 2.65 -21.93 -9.71
C SER B 104 3.01 -21.68 -8.24
N ALA B 105 4.19 -21.11 -7.95
CA ALA B 105 4.55 -20.61 -6.60
C ALA B 105 3.55 -19.54 -6.15
N MET B 106 2.90 -18.84 -7.07
CA MET B 106 1.99 -17.72 -6.73
C MET B 106 0.62 -18.23 -6.31
N ASP B 107 0.30 -19.52 -6.48
CA ASP B 107 -0.96 -20.12 -5.97
C ASP B 107 -1.04 -19.94 -4.45
N ALA B 108 0.09 -20.04 -3.75
CA ALA B 108 0.14 -19.88 -2.28
C ALA B 108 -0.47 -18.52 -1.89
N TYR B 109 -0.20 -17.43 -2.64
CA TYR B 109 -0.76 -16.08 -2.38
C TYR B 109 -2.29 -16.09 -2.54
N TYR B 110 -2.80 -16.60 -3.66
CA TYR B 110 -4.27 -16.55 -3.97
C TYR B 110 -5.06 -17.44 -3.00
N TYR B 111 -4.45 -18.55 -2.57
CA TYR B 111 -5.09 -19.58 -1.71
C TYR B 111 -5.20 -19.02 -0.29
N VAL B 112 -4.11 -18.42 0.21
CA VAL B 112 -4.04 -17.80 1.57
C VAL B 112 -4.92 -16.55 1.58
N LEU B 113 -4.97 -15.79 0.47
CA LEU B 113 -5.83 -14.60 0.36
C LEU B 113 -7.29 -15.05 0.46
N HIS B 114 -7.65 -16.10 -0.25
CA HIS B 114 -9.01 -16.69 -0.22
C HIS B 114 -9.32 -17.17 1.20
N ALA B 115 -8.40 -17.89 1.84
CA ALA B 115 -8.69 -18.44 3.18
C ALA B 115 -8.85 -17.31 4.22
N LEU B 116 -7.96 -16.32 4.22
CA LEU B 116 -7.99 -15.20 5.20
C LEU B 116 -9.27 -14.40 4.99
N SER B 117 -9.75 -14.30 3.75
CA SER B 117 -10.97 -13.52 3.46
C SER B 117 -12.19 -14.15 4.11
N GLU B 118 -12.13 -15.43 4.47
CA GLU B 118 -13.28 -16.14 5.09
C GLU B 118 -13.10 -16.18 6.61
N ILE B 119 -11.98 -15.68 7.16
CA ILE B 119 -11.65 -15.72 8.62
C ILE B 119 -11.66 -14.30 9.23
N ILE B 120 -10.96 -13.35 8.62
CA ILE B 120 -10.87 -11.96 9.17
C ILE B 120 -12.29 -11.43 9.31
N PRO B 121 -12.74 -11.04 10.52
CA PRO B 121 -14.08 -10.49 10.70
C PRO B 121 -14.29 -9.23 9.83
N THR B 122 -15.48 -9.15 9.23
CA THR B 122 -15.90 -8.06 8.32
C THR B 122 -16.74 -7.04 9.09
N LYS B 123 -16.78 -7.13 10.42
CA LYS B 123 -17.43 -6.12 11.29
C LYS B 123 -16.44 -5.78 12.41
N GLY B 124 -16.32 -4.50 12.73
CA GLY B 124 -15.61 -4.03 13.91
C GLY B 124 -14.11 -3.90 13.69
N ASP B 125 -13.46 -3.33 14.71
CA ASP B 125 -12.03 -2.97 14.71
C ASP B 125 -11.20 -4.25 14.81
N LEU B 126 -10.00 -4.22 14.25
CA LEU B 126 -9.10 -5.40 14.22
C LEU B 126 -7.79 -4.98 14.85
N GLU B 127 -7.25 -5.83 15.71
CA GLU B 127 -5.85 -5.74 16.14
C GLU B 127 -5.15 -7.02 15.68
N VAL B 128 -4.25 -6.90 14.72
CA VAL B 128 -3.68 -8.08 14.01
C VAL B 128 -2.20 -8.18 14.38
N HIS B 129 -1.82 -9.38 14.80
CA HIS B 129 -0.44 -9.76 15.18
C HIS B 129 0.07 -10.81 14.20
N PHE B 130 1.29 -10.65 13.69
CA PHE B 130 1.84 -11.50 12.62
C PHE B 130 3.23 -11.98 13.04
N ASP B 131 3.40 -13.30 13.16
CA ASP B 131 4.71 -13.91 13.52
C ASP B 131 5.36 -14.47 12.25
N SER B 132 6.49 -13.89 11.85
CA SER B 132 7.28 -14.34 10.68
C SER B 132 8.45 -15.23 11.13
N THR B 133 8.59 -15.54 12.41
CA THR B 133 9.83 -16.25 12.83
C THR B 133 10.03 -17.61 12.14
N HIS B 134 8.99 -18.42 12.02
CA HIS B 134 9.19 -19.79 11.50
C HIS B 134 8.77 -19.96 10.04
N GLY B 135 8.46 -18.91 9.31
CA GLY B 135 7.96 -19.20 7.96
C GLY B 135 9.01 -19.54 6.92
N LEU B 136 8.60 -20.32 5.90
CA LEU B 136 9.39 -20.48 4.67
C LEU B 136 9.39 -19.08 4.06
N ASN B 137 10.49 -18.63 3.47
CA ASN B 137 10.59 -17.21 3.06
C ASN B 137 9.47 -16.76 2.12
N TYR B 138 9.15 -17.54 1.10
CA TYR B 138 8.18 -17.10 0.09
C TYR B 138 6.75 -17.21 0.65
N VAL B 139 6.43 -18.22 1.48
CA VAL B 139 5.06 -18.40 2.05
C VAL B 139 4.84 -17.28 3.06
N THR B 140 5.85 -17.01 3.88
CA THR B 140 5.81 -15.86 4.83
C THR B 140 5.54 -14.56 4.10
N LEU B 141 6.27 -14.29 3.02
CA LEU B 141 6.15 -13.00 2.29
C LEU B 141 4.78 -12.90 1.62
N LEU B 142 4.30 -13.96 1.01
CA LEU B 142 3.00 -13.97 0.33
C LEU B 142 1.88 -13.88 1.38
N THR B 143 2.05 -14.52 2.54
CA THR B 143 1.07 -14.44 3.65
C THR B 143 0.99 -13.00 4.15
N TYR B 144 2.12 -12.39 4.43
CA TYR B 144 2.19 -10.96 4.82
C TYR B 144 1.41 -10.10 3.82
N ARG B 145 1.72 -10.28 2.55
CA ARG B 145 1.10 -9.47 1.49
C ARG B 145 -0.41 -9.72 1.47
N ALA B 146 -0.84 -10.99 1.54
CA ALA B 146 -2.28 -11.31 1.48
C ALA B 146 -2.99 -10.65 2.66
N LEU B 147 -2.43 -10.76 3.84
CA LEU B 147 -2.96 -10.13 5.08
C LEU B 147 -3.06 -8.61 4.89
N LYS B 148 -1.99 -7.98 4.43
CA LYS B 148 -1.96 -6.49 4.34
C LYS B 148 -2.95 -6.04 3.28
N ASP B 149 -3.07 -6.78 2.19
CA ASP B 149 -4.05 -6.46 1.13
C ASP B 149 -5.47 -6.45 1.71
N LEU B 150 -5.82 -7.41 2.56
CA LEU B 150 -7.22 -7.51 3.09
C LEU B 150 -7.42 -6.46 4.18
N LEU B 151 -6.40 -6.20 4.99
CA LEU B 151 -6.54 -5.24 6.12
C LEU B 151 -6.76 -3.81 5.59
N GLY B 152 -6.07 -3.44 4.51
CA GLY B 152 -6.22 -2.16 3.84
C GLY B 152 -7.68 -1.92 3.47
N ILE B 153 -8.37 -2.95 2.94
CA ILE B 153 -9.81 -2.90 2.57
C ILE B 153 -10.65 -2.80 3.85
N ALA B 154 -10.35 -3.56 4.89
CA ALA B 154 -11.02 -3.50 6.21
C ALA B 154 -10.90 -2.09 6.80
N ALA B 155 -9.76 -1.44 6.62
CA ALA B 155 -9.49 -0.11 7.19
C ALA B 155 -10.42 0.95 6.56
N VAL B 156 -11.11 0.67 5.47
CA VAL B 156 -12.06 1.65 4.89
C VAL B 156 -13.19 1.87 5.90
N MET B 157 -13.59 0.85 6.65
CA MET B 157 -14.77 0.95 7.52
C MET B 157 -14.40 0.94 9.00
N ASN B 158 -13.23 0.44 9.38
CA ASN B 158 -12.92 0.13 10.80
C ASN B 158 -11.50 0.53 11.08
N THR B 159 -11.15 0.69 12.36
CA THR B 159 -9.74 0.90 12.78
C THR B 159 -9.01 -0.45 12.76
N VAL B 160 -7.87 -0.47 12.10
CA VAL B 160 -7.07 -1.70 11.97
C VAL B 160 -5.66 -1.33 12.39
N THR B 161 -5.11 -2.05 13.35
CA THR B 161 -3.67 -1.98 13.71
C THR B 161 -3.03 -3.34 13.50
N PHE B 162 -1.74 -3.30 13.20
CA PHE B 162 -0.96 -4.44 12.73
C PHE B 162 0.41 -4.39 13.38
N TYR B 163 0.83 -5.51 13.97
CA TYR B 163 2.12 -5.71 14.65
C TYR B 163 2.72 -6.97 14.07
N ALA B 164 4.00 -6.91 13.71
CA ALA B 164 4.76 -8.07 13.24
C ALA B 164 5.86 -8.38 14.26
N TYR B 165 6.22 -9.65 14.38
CA TYR B 165 7.22 -10.18 15.33
C TYR B 165 8.17 -11.10 14.60
N ASN B 166 9.39 -11.18 15.07
CA ASN B 166 10.40 -12.15 14.59
C ASN B 166 11.38 -12.38 15.75
N SER B 167 11.67 -13.64 16.08
CA SER B 167 12.66 -13.99 17.12
C SER B 167 14.04 -13.64 16.57
N ASP B 168 15.03 -13.54 17.45
CA ASP B 168 16.45 -13.56 17.02
C ASP B 168 16.70 -14.82 16.20
N PRO B 169 17.73 -14.80 15.35
CA PRO B 169 18.11 -15.99 14.59
C PRO B 169 18.62 -17.07 15.54
N PHE B 170 18.27 -18.32 15.22
CA PHE B 170 18.64 -19.53 15.99
C PHE B 170 19.88 -20.12 15.32
N VAL B 171 20.95 -20.38 16.09
CA VAL B 171 22.11 -21.17 15.61
C VAL B 171 21.92 -22.54 16.24
N PRO B 172 21.78 -23.61 15.44
CA PRO B 172 21.63 -24.95 16.01
C PRO B 172 22.71 -25.27 17.04
N LYS B 173 22.29 -25.80 18.19
CA LYS B 173 23.13 -26.45 19.23
C LYS B 173 23.72 -25.44 20.21
N ILE B 174 24.02 -24.19 19.83
CA ILE B 174 24.70 -23.22 20.74
C ILE B 174 23.69 -22.27 21.38
N THR B 175 22.45 -22.26 20.92
CA THR B 175 21.46 -21.23 21.34
C THR B 175 20.62 -21.79 22.47
N LYS B 176 20.45 -21.03 23.54
CA LYS B 176 19.55 -21.41 24.64
C LYS B 176 18.34 -20.48 24.61
N GLU B 177 18.57 -19.16 24.49
CA GLU B 177 17.52 -18.12 24.69
C GLU B 177 17.41 -17.26 23.43
N LEU B 178 16.19 -16.90 23.04
CA LEU B 178 15.91 -16.00 21.88
C LEU B 178 14.88 -14.99 22.30
N ASN B 179 15.09 -13.72 21.95
CA ASN B 179 14.06 -12.66 22.12
C ASN B 179 13.08 -12.78 20.94
N ILE B 180 11.82 -12.47 21.18
CA ILE B 180 10.81 -12.19 20.12
C ILE B 180 10.71 -10.67 19.95
N ASN B 181 11.25 -10.15 18.86
CA ASN B 181 11.40 -8.71 18.57
C ASN B 181 10.11 -8.19 17.92
N THR B 182 9.72 -6.95 18.16
CA THR B 182 8.67 -6.27 17.39
C THR B 182 9.36 -5.65 16.17
N ILE B 183 8.91 -5.94 14.95
CA ILE B 183 9.59 -5.48 13.69
C ILE B 183 8.64 -4.60 12.89
N GLU B 184 7.38 -4.46 13.29
CA GLU B 184 6.46 -3.50 12.64
C GLU B 184 5.34 -3.15 13.60
N THR B 185 4.99 -1.87 13.69
CA THR B 185 3.80 -1.37 14.39
C THR B 185 3.14 -0.36 13.45
N THR B 186 1.95 -0.66 12.93
CA THR B 186 1.23 0.21 11.96
C THR B 186 -0.26 0.34 12.31
N MET B 187 -0.73 1.56 12.08
CA MET B 187 -2.14 1.88 11.88
C MET B 187 -2.36 1.72 10.38
N VAL B 188 -3.11 0.70 9.97
CA VAL B 188 -3.31 0.40 8.52
C VAL B 188 -4.18 1.50 7.90
N LYS B 189 -3.81 1.95 6.71
CA LYS B 189 -4.42 3.08 5.96
C LYS B 189 -5.55 2.53 5.08
N PRO B 190 -6.68 3.23 4.99
CA PRO B 190 -7.80 2.75 4.17
C PRO B 190 -7.34 2.73 2.72
N THR B 191 -7.45 1.57 2.08
CA THR B 191 -7.09 1.35 0.67
C THR B 191 -8.23 0.54 0.05
N PRO B 192 -9.22 1.22 -0.56
CA PRO B 192 -10.20 0.53 -1.37
C PRO B 192 -9.55 -0.16 -2.58
N LEU B 193 -10.24 -1.18 -3.08
CA LEU B 193 -9.81 -1.93 -4.27
C LEU B 193 -9.67 -0.94 -5.43
N SER B 194 -8.55 -0.96 -6.13
CA SER B 194 -8.18 0.06 -7.14
C SER B 194 -7.81 -0.63 -8.44
N GLU B 195 -8.31 -1.84 -8.67
CA GLU B 195 -7.96 -2.64 -9.87
C GLU B 195 -9.25 -3.08 -10.55
N PRO B 196 -9.27 -2.99 -11.90
CA PRO B 196 -10.39 -3.51 -12.67
C PRO B 196 -10.38 -5.04 -12.66
N LEU B 197 -11.47 -5.64 -13.12
CA LEU B 197 -11.46 -7.09 -13.40
C LEU B 197 -10.72 -7.31 -14.73
N PRO B 198 -9.87 -8.35 -14.82
CA PRO B 198 -9.03 -8.52 -16.01
C PRO B 198 -9.83 -9.21 -17.14
N GLY B 199 -9.20 -9.36 -18.32
CA GLY B 199 -9.68 -10.23 -19.41
C GLY B 199 -9.78 -11.68 -18.94
N PHE B 200 -10.56 -12.51 -19.65
CA PHE B 200 -11.18 -13.76 -19.13
C PHE B 200 -10.20 -14.93 -19.17
N ASP B 201 -8.98 -14.71 -19.68
CA ASP B 201 -7.85 -15.67 -19.63
C ASP B 201 -7.06 -15.52 -18.31
N GLU B 202 -7.55 -14.70 -17.37
CA GLU B 202 -6.75 -14.32 -16.17
C GLU B 202 -7.43 -14.67 -14.85
N TYR B 203 -8.39 -15.59 -14.79
CA TYR B 203 -8.96 -16.11 -13.51
C TYR B 203 -8.28 -17.43 -13.15
N LEU B 204 -8.15 -18.33 -14.12
CA LEU B 204 -7.42 -19.60 -14.01
C LEU B 204 -6.53 -19.70 -15.25
N CYS B 205 -5.29 -20.17 -15.09
CA CYS B 205 -4.27 -20.27 -16.16
C CYS B 205 -3.74 -21.70 -16.17
N PRO B 206 -3.43 -22.27 -17.36
CA PRO B 206 -2.80 -23.58 -17.42
C PRO B 206 -1.37 -23.52 -16.86
N TYR B 207 -1.07 -24.37 -15.90
CA TYR B 207 0.30 -24.52 -15.39
C TYR B 207 0.93 -25.70 -16.12
N SER B 208 0.19 -26.81 -16.22
CA SER B 208 0.52 -28.01 -17.02
C SER B 208 -0.79 -28.68 -17.43
N MET B 209 -1.63 -27.95 -18.13
CA MET B 209 -2.86 -28.53 -18.71
C MET B 209 -2.83 -28.24 -20.20
N GLU B 210 -3.06 -29.23 -21.05
CA GLU B 210 -3.06 -28.98 -22.50
C GLU B 210 -4.29 -28.13 -22.85
N ARG B 211 -4.11 -27.15 -23.74
CA ARG B 211 -5.08 -26.05 -24.04
C ARG B 211 -6.38 -26.59 -24.68
N ALA B 212 -6.41 -27.81 -25.23
CA ALA B 212 -7.67 -28.43 -25.66
C ALA B 212 -8.56 -28.57 -24.42
N GLU B 213 -8.03 -29.23 -23.40
CA GLU B 213 -8.66 -29.40 -22.08
C GLU B 213 -8.93 -28.04 -21.44
N PHE B 214 -8.01 -27.07 -21.55
CA PHE B 214 -8.18 -25.71 -20.94
C PHE B 214 -9.36 -24.99 -21.58
N VAL B 215 -9.35 -24.94 -22.92
CA VAL B 215 -10.37 -24.18 -23.70
C VAL B 215 -11.74 -24.83 -23.45
N ARG B 216 -11.82 -26.16 -23.39
CA ARG B 216 -13.11 -26.87 -23.12
C ARG B 216 -13.55 -26.54 -21.70
N LEU B 217 -12.62 -26.58 -20.74
CA LEU B 217 -12.89 -26.29 -19.30
C LEU B 217 -13.37 -24.83 -19.15
N LYS B 218 -12.64 -23.89 -19.74
CA LYS B 218 -12.98 -22.43 -19.68
C LYS B 218 -14.41 -22.24 -20.21
N GLY B 219 -14.76 -22.90 -21.32
CA GLY B 219 -16.09 -22.83 -21.97
C GLY B 219 -17.21 -23.46 -21.15
N SER B 220 -16.90 -24.34 -20.21
CA SER B 220 -17.89 -25.06 -19.37
C SER B 220 -18.22 -24.29 -18.08
N LEU B 221 -17.53 -23.18 -17.78
CA LEU B 221 -17.65 -22.42 -16.49
C LEU B 221 -18.73 -21.36 -16.64
N ASN B 222 -19.82 -21.50 -15.88
CA ASN B 222 -20.86 -20.45 -15.69
C ASN B 222 -20.20 -19.10 -15.33
N THR B 223 -19.23 -19.15 -14.42
CA THR B 223 -18.63 -17.96 -13.77
C THR B 223 -18.13 -17.01 -14.86
N LEU B 224 -17.29 -17.50 -15.75
CA LEU B 224 -16.62 -16.64 -16.75
C LEU B 224 -17.68 -15.97 -17.62
N LYS B 225 -18.79 -16.67 -17.88
CA LYS B 225 -19.90 -16.20 -18.74
C LYS B 225 -20.65 -15.10 -17.98
N ASN B 226 -21.10 -15.39 -16.76
CA ASN B 226 -21.86 -14.44 -15.88
C ASN B 226 -21.01 -13.21 -15.57
N LEU B 227 -19.70 -13.38 -15.37
CA LEU B 227 -18.75 -12.27 -15.08
C LEU B 227 -18.63 -11.32 -16.26
N ARG B 228 -18.50 -11.82 -17.49
CA ARG B 228 -18.50 -11.01 -18.72
C ARG B 228 -19.68 -10.06 -18.67
N LYS B 229 -20.86 -10.55 -18.30
CA LYS B 229 -22.16 -9.83 -18.29
C LYS B 229 -22.10 -8.71 -17.24
N GLU B 230 -21.53 -8.99 -16.07
CA GLU B 230 -21.55 -8.15 -14.83
C GLU B 230 -20.30 -7.28 -14.68
N LYS B 231 -19.23 -7.60 -15.41
CA LYS B 231 -17.89 -6.97 -15.29
C LYS B 231 -18.00 -5.46 -15.15
N LYS B 232 -18.72 -4.78 -16.04
CA LYS B 232 -18.73 -3.28 -16.11
C LYS B 232 -19.47 -2.69 -14.89
N LYS B 233 -20.54 -3.33 -14.45
CA LYS B 233 -21.31 -2.92 -13.22
C LYS B 233 -20.43 -3.10 -11.98
N LEU B 234 -19.70 -4.20 -11.90
CA LEU B 234 -18.76 -4.45 -10.79
C LEU B 234 -17.63 -3.38 -10.81
N GLU B 235 -17.06 -3.05 -11.98
CA GLU B 235 -16.02 -2.01 -12.09
C GLU B 235 -16.60 -0.65 -11.71
N ALA B 236 -17.86 -0.37 -12.07
CA ALA B 236 -18.53 0.89 -11.72
C ALA B 236 -18.54 1.00 -10.20
N TRP B 237 -18.77 -0.13 -9.50
CA TRP B 237 -18.89 -0.19 -8.02
C TRP B 237 -17.52 0.02 -7.39
N ILE B 238 -16.50 -0.68 -7.89
CA ILE B 238 -15.10 -0.51 -7.41
C ILE B 238 -14.72 0.97 -7.56
N GLY B 239 -14.98 1.58 -8.72
CA GLY B 239 -14.69 3.01 -8.95
C GLY B 239 -15.44 3.91 -8.00
N SER B 240 -16.67 3.52 -7.63
CA SER B 240 -17.50 4.34 -6.73
C SER B 240 -16.74 4.57 -5.41
N LEU B 241 -16.11 3.54 -4.85
CA LEU B 241 -15.35 3.69 -3.59
C LEU B 241 -14.05 4.43 -3.87
N LEU B 242 -13.37 4.14 -5.00
CA LEU B 242 -12.04 4.71 -5.26
C LEU B 242 -12.24 6.18 -5.55
N PHE B 243 -13.29 6.58 -6.26
CA PHE B 243 -13.37 7.97 -6.78
C PHE B 243 -14.33 8.83 -5.96
N GLY B 244 -15.12 8.28 -5.05
CA GLY B 244 -15.99 9.13 -4.20
C GLY B 244 -17.35 9.41 -4.84
N LEU B 245 -18.07 8.35 -5.19
CA LEU B 245 -19.36 8.47 -5.93
C LEU B 245 -20.39 7.71 -5.10
N PRO B 246 -20.96 8.37 -4.08
CA PRO B 246 -21.79 7.67 -3.10
C PRO B 246 -23.12 7.14 -3.67
N LEU B 247 -23.71 7.80 -4.67
CA LEU B 247 -24.99 7.31 -5.29
C LEU B 247 -24.66 6.09 -6.14
N LEU B 248 -23.52 6.08 -6.82
CA LEU B 248 -23.09 4.89 -7.59
C LEU B 248 -22.75 3.73 -6.65
N PHE B 249 -22.16 3.97 -5.49
CA PHE B 249 -21.91 2.94 -4.44
C PHE B 249 -23.20 2.21 -4.06
N LEU B 250 -24.29 2.94 -3.83
CA LEU B 250 -25.61 2.34 -3.47
C LEU B 250 -26.26 1.70 -4.70
N GLU B 251 -26.30 2.36 -5.85
CA GLU B 251 -27.08 1.82 -6.99
C GLU B 251 -26.43 0.54 -7.53
N GLU B 252 -25.12 0.42 -7.46
CA GLU B 252 -24.37 -0.70 -8.07
C GLU B 252 -23.90 -1.68 -7.01
N PHE B 253 -24.39 -1.58 -5.78
CA PHE B 253 -23.93 -2.46 -4.69
C PHE B 253 -24.02 -3.91 -5.17
N PRO B 254 -22.94 -4.72 -5.13
CA PRO B 254 -22.97 -6.03 -5.77
C PRO B 254 -23.76 -7.08 -4.97
N ASP B 255 -24.20 -8.08 -5.71
CA ASP B 255 -24.89 -9.28 -5.17
C ASP B 255 -23.80 -10.16 -4.56
N ILE B 256 -23.76 -10.25 -3.23
CA ILE B 256 -22.77 -11.04 -2.45
C ILE B 256 -22.92 -12.55 -2.74
N GLY B 257 -24.14 -13.10 -2.84
CA GLY B 257 -24.34 -14.53 -3.19
C GLY B 257 -23.74 -14.91 -4.54
N ARG B 258 -23.89 -14.03 -5.53
CA ARG B 258 -23.28 -14.24 -6.88
C ARG B 258 -21.75 -14.18 -6.80
N LEU B 259 -21.17 -13.23 -6.07
CA LEU B 259 -19.68 -13.17 -5.94
C LEU B 259 -19.14 -14.42 -5.25
N GLU B 260 -19.78 -14.86 -4.18
CA GLU B 260 -19.45 -16.11 -3.45
C GLU B 260 -19.40 -17.30 -4.41
N SER B 261 -20.42 -17.46 -5.26
CA SER B 261 -20.52 -18.65 -6.16
C SER B 261 -19.41 -18.55 -7.20
N TYR B 262 -19.09 -17.35 -7.66
CA TYR B 262 -18.01 -17.14 -8.67
C TYR B 262 -16.70 -17.66 -8.04
N ILE B 263 -16.44 -17.25 -6.81
CA ILE B 263 -15.16 -17.56 -6.15
C ILE B 263 -15.14 -19.05 -5.86
N GLU B 264 -16.25 -19.61 -5.42
CA GLU B 264 -16.34 -21.05 -5.08
C GLU B 264 -16.13 -21.88 -6.34
N GLU B 265 -16.74 -21.50 -7.46
CA GLU B 265 -16.60 -22.28 -8.72
C GLU B 265 -15.12 -22.26 -9.10
N LEU B 266 -14.47 -21.11 -9.05
CA LEU B 266 -13.05 -20.98 -9.48
C LEU B 266 -12.16 -21.76 -8.52
N ALA B 267 -12.42 -21.67 -7.22
CA ALA B 267 -11.62 -22.37 -6.20
C ALA B 267 -11.79 -23.88 -6.39
N GLU B 268 -12.98 -24.36 -6.75
CA GLU B 268 -13.15 -25.83 -6.87
C GLU B 268 -12.64 -26.32 -8.23
N THR B 269 -12.71 -25.52 -9.29
CA THR B 269 -12.08 -25.89 -10.58
C THR B 269 -10.58 -26.01 -10.35
N TRP B 270 -9.94 -25.06 -9.66
CA TRP B 270 -8.49 -25.17 -9.35
C TRP B 270 -8.21 -26.48 -8.57
N GLY B 271 -8.92 -26.73 -7.48
CA GLY B 271 -8.69 -27.91 -6.63
C GLY B 271 -8.92 -29.19 -7.43
N GLY B 272 -9.91 -29.15 -8.33
CA GLY B 272 -10.26 -30.25 -9.25
C GLY B 272 -9.12 -30.63 -10.18
N ALA B 273 -8.33 -29.67 -10.65
CA ALA B 273 -7.20 -29.91 -11.56
C ALA B 273 -5.94 -30.33 -10.80
N ILE B 274 -6.01 -30.58 -9.49
CA ILE B 274 -4.83 -31.07 -8.73
C ILE B 274 -4.75 -32.58 -8.94
N ALA B 275 -3.72 -33.04 -9.67
CA ALA B 275 -3.44 -34.47 -9.95
C ALA B 275 -2.39 -34.98 -8.96
N VAL B 276 -2.69 -36.10 -8.29
CA VAL B 276 -1.75 -36.81 -7.37
C VAL B 276 -1.42 -38.16 -7.99
N ASN B 277 -0.13 -38.42 -8.19
CA ASN B 277 0.42 -39.76 -8.56
C ASN B 277 0.88 -40.46 -7.28
N ALA B 278 0.09 -41.43 -6.79
CA ALA B 278 0.36 -42.21 -5.57
C ALA B 278 1.73 -42.90 -5.66
N GLU B 279 2.04 -43.45 -6.83
CA GLU B 279 3.28 -44.24 -7.08
C GLU B 279 4.51 -43.32 -7.11
N GLU B 280 4.51 -42.24 -7.91
CA GLU B 280 5.67 -41.29 -8.02
C GLU B 280 5.74 -40.35 -6.81
N LYS B 281 4.70 -40.32 -5.96
CA LYS B 281 4.56 -39.35 -4.84
C LYS B 281 4.74 -37.94 -5.42
N ALA B 282 3.92 -37.57 -6.40
CA ALA B 282 3.97 -36.33 -7.21
C ALA B 282 2.61 -35.64 -7.22
N VAL B 283 2.57 -34.39 -6.77
CA VAL B 283 1.39 -33.48 -6.90
C VAL B 283 1.66 -32.45 -8.00
N THR B 284 0.73 -32.34 -8.93
CA THR B 284 0.78 -31.37 -10.03
C THR B 284 -0.50 -30.56 -9.96
N ARG B 285 -0.35 -29.25 -9.76
CA ARG B 285 -1.46 -28.30 -9.75
C ARG B 285 -1.57 -27.79 -11.18
N ARG B 286 -2.36 -28.49 -11.97
CA ARG B 286 -2.36 -28.35 -13.43
C ARG B 286 -2.97 -26.99 -13.76
N LEU B 287 -3.76 -26.40 -12.86
CA LEU B 287 -4.25 -25.00 -13.02
C LEU B 287 -3.56 -24.12 -11.96
N ALA B 288 -3.34 -22.87 -12.32
CA ALA B 288 -2.81 -21.78 -11.47
C ALA B 288 -3.91 -20.74 -11.34
N PHE B 289 -4.11 -20.19 -10.15
CA PHE B 289 -4.94 -18.99 -9.96
C PHE B 289 -4.32 -17.85 -10.76
N GLY B 290 -5.17 -17.02 -11.35
CA GLY B 290 -4.82 -15.74 -12.00
C GLY B 290 -5.17 -14.55 -11.13
N SER B 291 -4.62 -13.37 -11.46
CA SER B 291 -4.89 -12.07 -10.80
C SER B 291 -6.39 -11.81 -10.65
N GLY B 292 -7.21 -12.24 -11.59
CA GLY B 292 -8.67 -12.05 -11.52
C GLY B 292 -9.30 -12.74 -10.33
N PHE B 293 -8.79 -13.90 -9.92
CA PHE B 293 -9.30 -14.61 -8.71
C PHE B 293 -9.06 -13.70 -7.50
N GLY B 294 -7.83 -13.20 -7.39
CA GLY B 294 -7.41 -12.22 -6.35
C GLY B 294 -8.35 -11.04 -6.32
N THR B 295 -8.68 -10.47 -7.47
CA THR B 295 -9.53 -9.27 -7.56
C THR B 295 -10.96 -9.60 -7.12
N LEU B 296 -11.49 -10.76 -7.51
CA LEU B 296 -12.85 -11.16 -7.06
C LEU B 296 -12.82 -11.33 -5.54
N VAL B 297 -11.80 -11.99 -4.97
CA VAL B 297 -11.73 -12.20 -3.50
C VAL B 297 -11.73 -10.85 -2.75
N LYS B 298 -10.89 -9.89 -3.18
CA LYS B 298 -10.83 -8.54 -2.58
C LYS B 298 -12.19 -7.82 -2.73
N LEU B 299 -12.88 -8.05 -3.85
CA LEU B 299 -14.17 -7.39 -4.18
C LEU B 299 -15.23 -7.91 -3.21
N LEU B 300 -15.34 -9.23 -3.05
CA LEU B 300 -16.31 -9.79 -2.08
C LEU B 300 -15.97 -9.30 -0.67
N PHE B 301 -14.71 -9.28 -0.27
CA PHE B 301 -14.34 -8.81 1.09
C PHE B 301 -14.85 -7.36 1.28
N GLN B 302 -14.64 -6.50 0.28
CA GLN B 302 -15.00 -5.06 0.32
C GLN B 302 -16.53 -4.89 0.38
N ALA B 303 -17.27 -5.72 -0.35
CA ALA B 303 -18.74 -5.75 -0.28
C ALA B 303 -19.17 -6.16 1.15
N ARG B 304 -18.53 -7.15 1.74
CA ARG B 304 -18.85 -7.64 3.10
C ARG B 304 -18.58 -6.52 4.11
N ILE B 305 -17.44 -5.85 3.99
CA ILE B 305 -17.00 -4.75 4.91
C ILE B 305 -18.04 -3.61 4.86
N THR B 306 -18.61 -3.27 3.70
CA THR B 306 -19.43 -2.05 3.50
C THR B 306 -20.94 -2.39 3.41
N ARG B 307 -21.32 -3.66 3.52
CA ARG B 307 -22.72 -4.10 3.24
C ARG B 307 -23.67 -3.44 4.23
N GLY B 308 -23.23 -3.13 5.45
CA GLY B 308 -24.09 -2.50 6.46
C GLY B 308 -24.54 -1.09 6.05
N LEU B 309 -23.90 -0.47 5.06
CA LEU B 309 -24.31 0.88 4.58
C LEU B 309 -25.51 0.78 3.63
N LEU B 310 -25.75 -0.37 3.01
CA LEU B 310 -26.77 -0.47 1.95
C LEU B 310 -28.17 -0.26 2.54
N VAL B 311 -29.04 0.43 1.80
CA VAL B 311 -30.51 0.53 2.07
C VAL B 311 -31.22 0.28 0.76
N GLU B 312 -32.54 0.13 0.80
CA GLU B 312 -33.38 0.07 -0.43
C GLU B 312 -33.64 1.52 -0.90
N GLU B 313 -33.77 1.72 -2.20
CA GLU B 313 -34.16 3.03 -2.77
C GLU B 313 -35.47 3.47 -2.14
N PRO B 314 -35.76 4.78 -2.03
CA PRO B 314 -34.97 5.82 -2.68
C PRO B 314 -33.80 6.29 -1.79
N TYR B 315 -32.86 7.04 -2.36
CA TYR B 315 -31.61 7.48 -1.68
C TYR B 315 -31.70 8.98 -1.43
N SER B 316 -31.86 9.36 -0.16
CA SER B 316 -31.96 10.76 0.29
C SER B 316 -30.58 11.42 0.33
N ILE B 317 -30.57 12.74 0.26
CA ILE B 317 -29.33 13.53 0.48
C ILE B 317 -28.77 13.19 1.86
N GLU B 318 -29.62 13.02 2.87
CA GLU B 318 -29.13 12.73 4.26
C GLU B 318 -28.37 11.40 4.26
N LYS B 319 -28.88 10.39 3.56
CA LYS B 319 -28.25 9.07 3.44
C LYS B 319 -26.93 9.17 2.67
N LEU B 320 -26.87 10.02 1.64
CA LEU B 320 -25.66 10.16 0.80
C LEU B 320 -24.53 10.80 1.60
N TYR B 321 -24.84 11.82 2.41
CA TYR B 321 -23.95 12.41 3.46
C TYR B 321 -23.44 11.31 4.40
N SER B 322 -24.31 10.50 5.01
CA SER B 322 -23.85 9.56 6.08
C SER B 322 -22.96 8.47 5.48
N VAL B 323 -23.33 7.95 4.32
CA VAL B 323 -22.51 6.97 3.55
C VAL B 323 -21.13 7.60 3.22
N SER B 324 -21.13 8.84 2.74
CA SER B 324 -19.88 9.51 2.30
C SER B 324 -18.94 9.65 3.50
N ASP B 325 -19.48 10.07 4.65
CA ASP B 325 -18.70 10.21 5.93
C ASP B 325 -18.02 8.90 6.32
N ARG B 326 -18.63 7.74 6.09
CA ARG B 326 -17.99 6.45 6.44
C ARG B 326 -16.91 6.08 5.43
N LEU B 327 -17.16 6.36 4.14
CA LEU B 327 -16.44 5.73 3.00
C LEU B 327 -15.23 6.58 2.59
N PHE B 328 -15.34 7.92 2.63
CA PHE B 328 -14.47 8.85 1.89
C PHE B 328 -13.68 9.73 2.87
N ARG B 329 -12.55 10.26 2.40
CA ARG B 329 -11.65 11.11 3.23
C ARG B 329 -11.07 12.20 2.35
N GLY B 330 -10.24 13.06 2.97
CA GLY B 330 -9.50 14.13 2.31
C GLY B 330 -10.40 14.96 1.42
N SER B 331 -9.85 15.42 0.29
CA SER B 331 -10.50 16.35 -0.66
C SER B 331 -11.70 15.64 -1.30
N THR B 332 -11.65 14.31 -1.51
CA THR B 332 -12.78 13.48 -2.01
C THR B 332 -14.01 13.63 -1.10
N LEU B 333 -13.91 13.42 0.20
CA LEU B 333 -15.07 13.72 1.08
C LEU B 333 -15.59 15.14 0.87
N GLN B 334 -14.70 16.12 0.81
CA GLN B 334 -15.12 17.55 0.78
C GLN B 334 -15.82 17.87 -0.54
N ARG B 335 -15.37 17.35 -1.67
CA ARG B 335 -16.10 17.52 -2.95
C ARG B 335 -17.51 16.94 -2.79
N VAL B 336 -17.64 15.75 -2.18
CA VAL B 336 -18.98 15.11 -2.01
C VAL B 336 -19.85 16.11 -1.26
N ARG B 337 -19.33 16.65 -0.17
CA ARG B 337 -20.10 17.56 0.72
C ARG B 337 -20.47 18.83 -0.03
N VAL B 338 -19.57 19.41 -0.81
CA VAL B 338 -19.92 20.57 -1.65
C VAL B 338 -21.09 20.19 -2.59
N GLU B 339 -21.02 19.07 -3.30
CA GLU B 339 -22.05 18.79 -4.33
C GLU B 339 -23.38 18.51 -3.66
N LEU B 340 -23.40 17.68 -2.61
CA LEU B 340 -24.65 17.40 -1.87
C LEU B 340 -25.19 18.71 -1.27
N GLY B 341 -24.32 19.59 -0.75
CA GLY B 341 -24.72 20.87 -0.17
C GLY B 341 -25.43 21.80 -1.15
N LYS B 342 -25.02 21.84 -2.41
CA LYS B 342 -25.65 22.67 -3.48
C LYS B 342 -27.06 22.16 -3.77
N ILE B 343 -27.22 20.85 -3.89
CA ILE B 343 -28.53 20.23 -4.17
C ILE B 343 -29.45 20.49 -2.98
N GLU B 344 -28.94 20.28 -1.76
CA GLU B 344 -29.70 20.53 -0.51
C GLU B 344 -30.15 22.00 -0.44
N ASP B 345 -29.22 22.94 -0.67
CA ASP B 345 -29.49 24.41 -0.61
C ASP B 345 -30.68 24.73 -1.54
N LYS B 346 -30.69 24.12 -2.72
CA LYS B 346 -31.76 24.35 -3.72
C LYS B 346 -33.08 23.74 -3.20
N ALA B 347 -33.05 22.48 -2.73
CA ALA B 347 -34.21 21.79 -2.15
C ALA B 347 -34.85 22.70 -1.09
N ILE B 348 -34.03 23.32 -0.24
CA ILE B 348 -34.51 24.23 0.83
C ILE B 348 -35.29 25.40 0.21
N LYS B 349 -34.77 26.02 -0.85
CA LYS B 349 -35.43 27.18 -1.53
C LYS B 349 -36.79 26.75 -2.05
N TYR B 350 -36.87 25.62 -2.76
CA TYR B 350 -38.15 25.03 -3.22
C TYR B 350 -39.09 24.79 -2.05
N ALA B 351 -38.64 24.13 -0.97
CA ALA B 351 -39.51 23.79 0.17
C ALA B 351 -40.13 25.07 0.78
N ARG B 352 -39.36 26.17 0.80
CA ARG B 352 -39.78 27.45 1.42
C ARG B 352 -40.91 28.06 0.56
N LYS B 353 -41.09 27.59 -0.68
CA LYS B 353 -42.12 28.05 -1.64
C LYS B 353 -43.26 27.02 -1.74
N GLY B 354 -43.30 26.01 -0.88
CA GLY B 354 -44.28 24.91 -1.00
C GLY B 354 -44.24 24.24 -2.38
N ALA B 355 -43.06 24.21 -3.02
CA ALA B 355 -42.79 23.50 -4.29
C ALA B 355 -42.00 22.21 -4.02
N PHE B 356 -42.50 21.09 -4.53
CA PHE B 356 -41.95 19.73 -4.30
C PHE B 356 -41.80 19.03 -5.64
N PRO B 357 -40.93 19.51 -6.54
CA PRO B 357 -40.73 18.89 -7.86
C PRO B 357 -40.33 17.41 -7.76
N ARG B 358 -40.76 16.61 -8.72
CA ARG B 358 -40.50 15.14 -8.78
C ARG B 358 -39.95 14.80 -10.16
N ASP B 359 -38.98 13.87 -10.19
CA ASP B 359 -38.37 13.29 -11.41
C ASP B 359 -37.84 14.43 -12.29
N ILE B 360 -37.29 15.47 -11.70
CA ILE B 360 -36.75 16.63 -12.46
C ILE B 360 -35.26 16.41 -12.70
N PRO B 361 -34.79 16.45 -13.95
CA PRO B 361 -33.36 16.42 -14.24
C PRO B 361 -32.62 17.40 -13.32
N LEU B 362 -31.47 16.97 -12.76
CA LEU B 362 -30.68 17.77 -11.78
C LEU B 362 -30.36 19.14 -12.40
N ARG B 363 -30.04 19.19 -13.70
CA ARG B 363 -29.69 20.45 -14.40
C ARG B 363 -30.83 21.47 -14.30
N ASP B 364 -32.11 21.04 -14.42
CA ASP B 364 -33.31 21.92 -14.31
C ASP B 364 -33.56 22.24 -12.84
N PHE B 365 -33.40 21.26 -11.93
CA PHE B 365 -33.52 21.44 -10.47
C PHE B 365 -32.64 22.60 -10.01
N LEU B 366 -31.41 22.65 -10.51
CA LEU B 366 -30.41 23.66 -10.13
C LEU B 366 -30.59 24.92 -10.98
N GLY B 367 -31.39 24.88 -12.07
CA GLY B 367 -31.63 26.02 -12.99
C GLY B 367 -30.55 26.21 -14.05
N PHE B 368 -29.96 25.13 -14.57
CA PHE B 368 -29.00 25.11 -15.73
C PHE B 368 -29.78 25.11 -17.06
N ASP B 369 -29.07 25.24 -18.20
CA ASP B 369 -29.66 25.63 -19.52
C ASP B 369 -29.30 24.60 -20.61
N ASN B 372 -24.79 22.64 -22.87
CA ASN B 372 -24.04 21.53 -22.23
C ASN B 372 -25.05 20.50 -21.69
N ARG B 373 -25.83 19.87 -22.56
CA ARG B 373 -26.65 18.67 -22.20
C ARG B 373 -25.84 17.39 -22.44
N GLU B 374 -24.64 17.52 -23.00
CA GLU B 374 -23.66 16.42 -23.22
C GLU B 374 -23.08 15.95 -21.87
N VAL B 375 -22.97 14.64 -21.66
CA VAL B 375 -22.39 14.03 -20.43
C VAL B 375 -20.85 13.96 -20.56
N SER B 376 -20.10 14.69 -19.72
CA SER B 376 -18.62 14.67 -19.74
C SER B 376 -18.10 13.77 -18.62
N PRO B 377 -17.19 12.84 -18.96
CA PRO B 377 -16.42 12.10 -17.98
C PRO B 377 -15.80 13.00 -16.90
N ARG B 378 -15.27 14.15 -17.29
CA ARG B 378 -14.62 15.09 -16.34
C ARG B 378 -15.65 15.43 -15.26
N ASN B 379 -16.89 15.77 -15.63
CA ASN B 379 -17.87 16.35 -14.69
C ASN B 379 -18.46 15.23 -13.84
N VAL B 380 -18.63 14.03 -14.40
CA VAL B 380 -19.12 12.83 -13.67
C VAL B 380 -18.16 12.51 -12.51
N LEU B 381 -16.84 12.56 -12.74
CA LEU B 381 -15.81 12.21 -11.75
C LEU B 381 -15.61 13.36 -10.76
N ALA B 382 -15.58 14.61 -11.23
CA ALA B 382 -15.21 15.79 -10.42
C ALA B 382 -16.39 16.19 -9.50
N ALA B 383 -17.64 15.87 -9.86
CA ALA B 383 -18.88 16.21 -9.10
C ALA B 383 -19.45 15.00 -8.34
N ALA B 384 -18.60 14.03 -8.00
CA ALA B 384 -18.94 12.94 -7.07
C ALA B 384 -20.01 12.06 -7.71
N GLY B 385 -19.99 11.97 -9.06
CA GLY B 385 -20.95 11.18 -9.86
C GLY B 385 -22.34 11.83 -9.93
N LEU B 386 -22.53 13.03 -9.36
CA LEU B 386 -23.83 13.76 -9.38
C LEU B 386 -23.78 14.80 -10.50
N GLU B 387 -23.59 14.35 -11.74
CA GLU B 387 -23.55 15.21 -12.96
C GLU B 387 -24.98 15.59 -13.37
N ALA B 388 -25.18 16.84 -13.76
CA ALA B 388 -26.50 17.49 -13.93
C ALA B 388 -27.36 16.72 -14.96
N ASN B 389 -26.73 15.97 -15.87
CA ASN B 389 -27.38 15.38 -17.06
C ASN B 389 -27.59 13.89 -16.86
N VAL B 390 -27.26 13.31 -15.69
CA VAL B 390 -27.46 11.84 -15.48
C VAL B 390 -28.24 11.59 -14.19
N VAL B 391 -28.51 12.62 -13.38
CA VAL B 391 -29.22 12.48 -12.09
C VAL B 391 -30.62 13.10 -12.20
N GLU B 392 -31.60 12.40 -11.61
CA GLU B 392 -32.96 12.93 -11.41
C GLU B 392 -33.18 13.15 -9.93
N VAL B 393 -33.77 14.30 -9.60
CA VAL B 393 -34.09 14.72 -8.22
C VAL B 393 -35.59 14.55 -8.00
N SER B 394 -35.99 13.99 -6.85
CA SER B 394 -37.41 13.96 -6.38
C SER B 394 -37.47 14.45 -4.95
N MET B 395 -38.33 15.43 -4.69
CA MET B 395 -38.71 15.86 -3.32
C MET B 395 -40.07 15.24 -3.03
N GLU B 396 -40.20 14.43 -1.97
CA GLU B 396 -41.52 13.88 -1.57
C GLU B 396 -42.10 14.92 -0.61
N ALA B 397 -43.28 15.43 -0.92
CA ALA B 397 -43.93 16.56 -0.22
C ALA B 397 -44.02 16.23 1.27
N TRP B 398 -43.78 17.25 2.08
CA TRP B 398 -44.02 17.22 3.53
C TRP B 398 -44.50 18.62 3.88
N GLU B 399 -44.96 18.83 5.11
CA GLU B 399 -45.34 20.16 5.63
C GLU B 399 -44.09 20.79 6.24
N PRO B 400 -43.45 21.79 5.57
CA PRO B 400 -42.18 22.32 6.05
C PRO B 400 -42.46 23.11 7.33
N LYS B 401 -41.62 22.92 8.36
CA LYS B 401 -41.62 23.75 9.59
C LYS B 401 -40.23 24.35 9.77
N ARG B 402 -39.16 23.54 9.80
CA ARG B 402 -37.75 24.03 9.70
C ARG B 402 -37.12 23.43 8.45
N PRO B 403 -37.36 24.02 7.25
CA PRO B 403 -36.94 23.39 5.98
C PRO B 403 -35.43 23.14 5.86
N GLU B 404 -34.60 24.02 6.43
CA GLU B 404 -33.11 23.89 6.47
C GLU B 404 -32.78 22.50 7.02
N GLU B 405 -33.50 22.07 8.05
CA GLU B 405 -33.28 20.80 8.80
C GLU B 405 -33.86 19.60 8.03
N GLU B 406 -34.91 19.80 7.22
CA GLU B 406 -35.82 18.71 6.80
C GLU B 406 -35.54 18.29 5.35
N ALA B 407 -35.19 19.24 4.47
CA ALA B 407 -35.07 19.03 3.01
C ALA B 407 -34.24 17.77 2.69
N GLY B 408 -33.15 17.57 3.45
CA GLY B 408 -32.16 16.51 3.21
C GLY B 408 -32.77 15.12 3.31
N ARG B 409 -33.68 14.93 4.27
CA ARG B 409 -34.40 13.63 4.48
C ARG B 409 -35.31 13.36 3.28
N HIS B 410 -35.89 14.43 2.72
CA HIS B 410 -37.05 14.34 1.80
C HIS B 410 -36.60 14.58 0.36
N THR B 411 -35.30 14.77 0.09
CA THR B 411 -34.79 14.98 -1.29
C THR B 411 -34.02 13.75 -1.72
N HIS B 412 -34.44 13.13 -2.82
CA HIS B 412 -33.93 11.82 -3.24
C HIS B 412 -33.24 12.00 -4.60
N LEU B 413 -32.16 11.26 -4.84
CA LEU B 413 -31.42 11.31 -6.12
C LEU B 413 -31.38 9.90 -6.68
N LYS B 414 -31.54 9.77 -7.99
CA LYS B 414 -31.17 8.50 -8.64
C LYS B 414 -30.62 8.86 -10.00
N TYR B 415 -29.89 7.92 -10.55
CA TYR B 415 -29.46 7.93 -11.97
C TYR B 415 -30.66 7.55 -12.87
N THR B 416 -30.81 8.24 -14.00
CA THR B 416 -31.75 7.86 -15.08
C THR B 416 -31.21 6.56 -15.65
N PRO B 417 -32.03 5.68 -16.24
CA PRO B 417 -31.47 4.49 -16.93
C PRO B 417 -30.35 4.80 -17.93
N VAL B 418 -30.53 5.82 -18.78
CA VAL B 418 -29.50 6.27 -19.77
C VAL B 418 -28.26 6.76 -19.01
N GLY B 419 -28.47 7.63 -18.00
CA GLY B 419 -27.41 8.22 -17.18
C GLY B 419 -26.54 7.16 -16.51
N LEU B 420 -27.16 6.17 -15.87
CA LEU B 420 -26.46 5.06 -15.19
C LEU B 420 -25.51 4.37 -16.18
N LYS B 421 -25.98 4.00 -17.37
CA LYS B 421 -25.09 3.36 -18.38
C LYS B 421 -23.90 4.27 -18.71
N LYS B 422 -24.11 5.57 -18.90
CA LYS B 422 -23.02 6.49 -19.28
C LYS B 422 -22.03 6.65 -18.11
N VAL B 423 -22.53 6.64 -16.86
CA VAL B 423 -21.67 6.69 -15.65
C VAL B 423 -20.88 5.39 -15.52
N GLU B 424 -21.51 4.25 -15.79
CA GLU B 424 -20.86 2.93 -15.69
C GLU B 424 -19.66 2.87 -16.66
N ASP B 425 -19.87 3.32 -17.90
CA ASP B 425 -18.83 3.34 -18.96
C ASP B 425 -17.70 4.28 -18.52
N ILE B 426 -18.06 5.43 -17.95
CA ILE B 426 -17.05 6.46 -17.59
C ILE B 426 -16.20 5.92 -16.43
N VAL B 427 -16.85 5.36 -15.41
CA VAL B 427 -16.17 4.91 -14.17
C VAL B 427 -15.35 3.66 -14.47
N SER B 428 -15.96 2.70 -15.15
CA SER B 428 -15.26 1.48 -15.61
C SER B 428 -13.99 1.87 -16.36
N ARG B 429 -14.07 2.81 -17.30
CA ARG B 429 -12.93 3.21 -18.14
C ARG B 429 -11.91 3.95 -17.28
N ALA B 430 -12.34 4.85 -16.40
CA ALA B 430 -11.38 5.54 -15.50
C ALA B 430 -10.62 4.50 -14.63
N LEU B 431 -11.28 3.42 -14.21
CA LEU B 431 -10.68 2.37 -13.36
C LEU B 431 -9.55 1.71 -14.15
N LYS B 432 -9.71 1.55 -15.48
CA LYS B 432 -8.77 0.76 -16.33
C LYS B 432 -7.58 1.62 -16.74
N GLU B 433 -7.74 2.93 -16.96
CA GLU B 433 -6.62 3.88 -17.21
C GLU B 433 -5.86 4.11 -15.90
N SER B 434 -6.49 3.76 -14.77
CA SER B 434 -6.00 3.86 -13.35
C SER B 434 -5.77 5.32 -12.96
P1 LQJ C . 15.68 -17.91 9.34
P2 LQJ C . 21.56 -19.04 6.81
N9 LQJ C . 23.87 -13.23 11.41
C8 LQJ C . 13.77 -23.03 16.90
N7 LQJ C . 23.99 -16.67 12.55
C5 LQJ C . 13.65 -21.83 16.28
C6 LQJ C . 14.09 -21.62 15.00
N6 LQJ C . 22.64 -17.06 10.96
N1 LQJ C . 13.84 -20.33 14.70
C2 LQJ C . 13.94 -20.54 11.14
N3 LQJ C . 14.61 -22.60 14.24
C4 LQJ C . 13.22 -19.77 15.76
N5 LQJ C . 13.32 -23.14 18.18
N4 LQJ C . 14.29 -24.08 16.22
C7 LQJ C . 14.76 -23.95 14.81
N2 LQJ C . 13.14 -20.66 16.75
C3 LQJ C . 14.07 -19.70 13.37
C9 LQJ C . 15.50 -19.77 12.81
O3 LQJ C . 16.24 -18.67 13.30
O2 LQJ C . 13.27 -20.47 12.41
C1 LQJ C . 14.10 -22.05 10.85
O1 LQJ C . 15.24 -22.67 11.58
C10 LQJ C . 15.31 -19.74 11.28
O4 LQJ C . 15.15 -18.39 10.84
O5 LQJ C . 15.52 -16.45 9.31
O12 LQJ C . 15.01 -18.78 8.35
O6 LQJ C . 17.25 -18.37 9.34
C11 LQJ C . 18.16 -17.66 10.07
C12 LQJ C . 19.53 -18.24 9.82
O7 LQJ C . 20.33 -17.19 10.34
C20 LQJ C . 20.12 -18.14 8.44
O9 LQJ C . 20.14 -19.34 7.62
O10 LQJ C . 21.59 -17.66 6.18
O11 LQJ C . 22.04 -20.21 6.03
O8 LQJ C . 22.45 -18.96 8.21
C19 LQJ C . 21.69 -17.86 8.77
C13 LQJ C . 21.64 -17.86 10.22
C14 LQJ C . 23.31 -17.62 11.95
C15 LQJ C . 23.75 -15.51 11.97
C16 LQJ C . 22.89 -15.76 10.98
N8 LQJ C . 22.50 -14.81 10.14
C17 LQJ C . 22.93 -13.42 10.28
C18 LQJ C . 24.28 -14.29 12.15
N10 LQJ C . 25.11 -14.12 13.21
P1 LQJ D . 14.17 -20.94 4.22
P2 LQJ D . 11.98 -24.43 8.99
N9 LQJ D . 7.89 -28.29 3.42
C8 LQJ D . 21.92 -23.08 -0.50
N7 LQJ D . 11.34 -29.18 4.20
C5 LQJ D . 20.69 -22.54 -0.57
C6 LQJ D . 19.95 -22.44 0.54
N6 LQJ D . 11.43 -27.24 5.15
N1 LQJ D . 18.75 -21.97 0.19
C2 LQJ D . 17.70 -20.68 3.45
N3 LQJ D . 20.39 -22.75 1.77
C4 LQJ D . 18.74 -21.84 -1.16
N5 LQJ D . 22.63 -23.18 -1.61
N4 LQJ D . 22.48 -23.39 0.66
C7 LQJ D . 21.75 -23.28 1.93
N2 LQJ D . 19.93 -22.15 -1.62
C3 LQJ D . 17.65 -21.53 1.21
C9 LQJ D . 17.10 -22.57 2.13
O3 LQJ D . 15.96 -23.09 1.46
O2 LQJ D . 18.25 -20.59 2.11
C1 LQJ D . 18.75 -21.01 4.55
O1 LQJ D . 19.44 -22.28 4.31
C10 LQJ D . 16.67 -21.75 3.37
O4 LQJ D . 15.35 -21.16 3.10
O5 LQJ D . 12.96 -20.47 3.50
O12 LQJ D . 14.73 -20.14 5.33
O6 LQJ D . 13.91 -22.39 4.93
C11 LQJ D . 14.15 -23.62 4.41
C12 LQJ D . 13.60 -24.61 5.44
O7 LQJ D . 12.64 -25.40 4.72
C20 LQJ D . 12.71 -24.09 6.64
O9 LQJ D . 13.32 -24.27 7.95
O10 LQJ D . 11.17 -23.14 9.22
O11 LQJ D . 12.45 -25.25 10.14
O8 LQJ D . 11.21 -25.48 8.05
C19 LQJ D . 11.52 -25.10 6.64
C13 LQJ D . 12.20 -26.21 5.81
C14 LQJ D . 12.14 -28.34 4.86
C15 LQJ D . 10.13 -28.60 4.08
C16 LQJ D . 10.20 -27.37 4.64
N8 LQJ D . 9.13 -26.55 4.63
C17 LQJ D . 7.82 -26.92 4.02
C18 LQJ D . 9.01 -29.05 3.52
N10 LQJ D . 9.06 -30.28 3.00
#